data_6Z0C
#
_entry.id   6Z0C
#
_cell.length_a   62.690
_cell.length_b   65.900
_cell.length_c   68.260
_cell.angle_alpha   89.860
_cell.angle_beta   90.290
_cell.angle_gamma   117.360
#
_symmetry.space_group_name_H-M   'P 1'
#
loop_
_entity.id
_entity.type
_entity.pdbx_description
1 polymer Maquette-3
2 non-polymer 'POTASSIUM ION'
3 water water
#
_entity_poly.entity_id   1
_entity_poly.type   'polypeptide(L)'
_entity_poly.pdbx_seq_one_letter_code
;MASPELRQEFQQLIQEFQQLLQEIQQLIRELLKIKLQIIKQLREASEKARNPEKKSVLQKQLELEEKQIELLETLQQTAQ
EAQQLLQELQQTGQELWQLGGSGGPELRQKFQQLAQKIQQLLQKFQQLVAKQLEDEEKFIELLETILGGSGGDELRELLK
GKLQVIKQQRELLQLVQKAQQLVQKLQQTGQKLWENLYFQ
;
_entity_poly.pdbx_strand_id   A,B,C,D
#
loop_
_chem_comp.id
_chem_comp.type
_chem_comp.name
_chem_comp.formula
K non-polymer 'POTASSIUM ION' 'K 1'
#
# COMPACT_ATOMS: atom_id res chain seq x y z
N ALA A 2 25.90 23.91 -10.17
CA ALA A 2 24.45 23.81 -9.86
C ALA A 2 23.63 24.48 -10.96
N SER A 3 22.50 23.86 -11.34
CA SER A 3 21.45 24.47 -12.19
C SER A 3 20.67 25.47 -11.35
N PRO A 4 19.90 26.39 -11.98
CA PRO A 4 18.95 27.22 -11.23
C PRO A 4 17.95 26.38 -10.43
N GLU A 5 17.51 25.25 -11.01
CA GLU A 5 16.53 24.32 -10.38
C GLU A 5 17.10 23.77 -9.07
N LEU A 6 18.40 23.44 -9.04
CA LEU A 6 19.04 22.85 -7.83
C LEU A 6 19.22 23.92 -6.75
N ARG A 7 19.70 25.11 -7.13
CA ARG A 7 19.81 26.26 -6.19
C ARG A 7 18.43 26.53 -5.58
N GLN A 8 17.39 26.62 -6.41
CA GLN A 8 16.00 26.92 -5.99
C GLN A 8 15.48 25.81 -5.07
N GLU A 9 15.78 24.55 -5.38
CA GLU A 9 15.40 23.37 -4.56
C GLU A 9 15.99 23.56 -3.15
N PHE A 10 17.27 23.90 -3.06
CA PHE A 10 17.99 24.13 -1.78
C PHE A 10 17.36 25.31 -1.02
N GLN A 11 17.19 26.45 -1.70
CA GLN A 11 16.69 27.71 -1.09
C GLN A 11 15.26 27.49 -0.56
N GLN A 12 14.42 26.76 -1.31
CA GLN A 12 13.03 26.42 -0.91
C GLN A 12 13.04 25.63 0.40
N LEU A 13 13.95 24.66 0.54
CA LEU A 13 14.09 23.81 1.75
C LEU A 13 14.56 24.66 2.92
N ILE A 14 15.53 25.56 2.71
CA ILE A 14 16.03 26.46 3.78
C ILE A 14 14.83 27.30 4.27
N GLN A 15 14.04 27.87 3.35
CA GLN A 15 12.92 28.77 3.68
C GLN A 15 11.84 27.98 4.45
N GLU A 16 11.48 26.79 3.95
CA GLU A 16 10.50 25.89 4.57
C GLU A 16 10.92 25.58 6.02
N PHE A 17 12.20 25.25 6.22
CA PHE A 17 12.79 24.92 7.54
C PHE A 17 12.79 26.17 8.44
N GLN A 18 13.17 27.34 7.90
CA GLN A 18 13.14 28.62 8.65
C GLN A 18 11.72 28.86 9.16
N GLN A 19 10.73 28.72 8.28
CA GLN A 19 9.29 28.91 8.61
C GLN A 19 8.87 27.88 9.66
N LEU A 20 9.34 26.64 9.54
CA LEU A 20 8.98 25.55 10.49
C LEU A 20 9.53 25.88 11.88
N LEU A 21 10.77 26.37 11.97
CA LEU A 21 11.39 26.71 13.29
C LEU A 21 10.62 27.89 13.92
N GLN A 22 10.13 28.83 13.10
CA GLN A 22 9.28 29.95 13.58
C GLN A 22 7.97 29.39 14.14
N GLU A 23 7.35 28.45 13.41
CA GLU A 23 6.10 27.76 13.84
C GLU A 23 6.35 27.02 15.15
N ILE A 24 7.48 26.33 15.27
CA ILE A 24 7.91 25.62 16.52
C ILE A 24 8.03 26.64 17.67
N GLN A 25 8.73 27.76 17.45
CA GLN A 25 8.93 28.79 18.50
C GLN A 25 7.58 29.36 18.95
N GLN A 26 6.65 29.59 18.01
CA GLN A 26 5.30 30.12 18.31
C GLN A 26 4.52 29.09 19.13
N LEU A 27 4.60 27.80 18.76
CA LEU A 27 3.86 26.73 19.48
C LEU A 27 4.43 26.59 20.90
N ILE A 28 5.75 26.67 21.07
CA ILE A 28 6.39 26.65 22.42
C ILE A 28 5.85 27.81 23.26
N ARG A 29 5.75 29.02 22.68
CA ARG A 29 5.21 30.21 23.39
C ARG A 29 3.78 29.93 23.84
N GLU A 30 2.96 29.31 22.99
CA GLU A 30 1.55 28.97 23.30
C GLU A 30 1.50 27.91 24.41
N LEU A 31 2.41 26.93 24.37
CA LEU A 31 2.53 25.87 25.41
C LEU A 31 2.92 26.49 26.75
N LEU A 32 3.89 27.41 26.74
CA LEU A 32 4.34 28.12 27.96
C LEU A 32 3.16 28.87 28.59
N LYS A 33 2.37 29.58 27.76
CA LYS A 33 1.20 30.36 28.22
C LYS A 33 0.21 29.44 28.93
N ILE A 34 -0.25 28.36 28.27
CA ILE A 34 -1.28 27.46 28.87
C ILE A 34 -0.68 26.77 30.10
N LYS A 35 0.59 26.36 30.07
CA LYS A 35 1.20 25.57 31.17
C LYS A 35 1.32 26.46 32.41
N LEU A 36 1.65 27.75 32.26
CA LEU A 36 1.72 28.70 33.40
C LEU A 36 0.32 28.94 33.94
N GLN A 37 -0.70 29.05 33.07
CA GLN A 37 -2.12 29.18 33.46
C GLN A 37 -2.51 27.95 34.30
N ILE A 38 -2.08 26.76 33.88
CA ILE A 38 -2.40 25.48 34.56
C ILE A 38 -1.69 25.41 35.92
N ILE A 39 -0.45 25.90 36.02
CA ILE A 39 0.29 25.99 37.32
C ILE A 39 -0.58 26.76 38.33
N LYS A 40 -1.17 27.88 37.91
CA LYS A 40 -2.00 28.74 38.80
C LYS A 40 -3.26 27.97 39.20
N GLN A 41 -3.86 27.23 38.27
CA GLN A 41 -5.07 26.37 38.51
C GLN A 41 -4.72 25.26 39.50
N LEU A 42 -3.57 24.61 39.33
CA LEU A 42 -3.07 23.54 40.23
C LEU A 42 -2.89 24.12 41.65
N ARG A 43 -2.24 25.27 41.76
CA ARG A 43 -1.97 25.93 43.06
C ARG A 43 -3.30 26.25 43.75
N GLU A 44 -4.25 26.83 43.02
CA GLU A 44 -5.60 27.19 43.55
C GLU A 44 -6.32 25.92 44.01
N ALA A 45 -6.36 24.88 43.18
CA ALA A 45 -7.00 23.58 43.49
C ALA A 45 -6.35 22.98 44.75
N SER A 46 -5.02 23.02 44.83
CA SER A 46 -4.20 22.51 45.97
C SER A 46 -4.59 23.25 47.27
N GLU A 47 -4.70 24.59 47.20
CA GLU A 47 -5.05 25.44 48.37
C GLU A 47 -6.45 25.09 48.88
N LYS A 48 -7.38 24.79 47.97
CA LYS A 48 -8.83 24.54 48.27
C LYS A 48 -9.06 23.11 48.74
N ALA A 49 -8.24 22.14 48.31
CA ALA A 49 -8.44 20.69 48.50
C ALA A 49 -8.63 20.37 49.99
N ARG A 50 -9.77 19.76 50.35
CA ARG A 50 -10.14 19.35 51.73
C ARG A 50 -9.67 17.90 51.98
N ASN A 51 -9.70 17.05 50.95
CA ASN A 51 -9.27 15.63 51.03
C ASN A 51 -7.75 15.58 50.96
N PRO A 52 -7.04 15.08 52.01
CA PRO A 52 -5.59 15.07 52.02
C PRO A 52 -4.96 14.31 50.83
N GLU A 53 -5.57 13.22 50.38
CA GLU A 53 -5.03 12.41 49.25
C GLU A 53 -5.05 13.27 47.97
N LYS A 54 -6.08 14.09 47.79
CA LYS A 54 -6.21 15.00 46.62
C LYS A 54 -5.19 16.14 46.74
N LYS A 55 -5.02 16.72 47.93
CA LYS A 55 -4.00 17.77 48.18
C LYS A 55 -2.61 17.21 47.83
N SER A 56 -2.29 16.03 48.34
CA SER A 56 -1.01 15.32 48.12
C SER A 56 -0.71 15.19 46.62
N VAL A 57 -1.68 14.71 45.84
CA VAL A 57 -1.54 14.49 44.37
C VAL A 57 -1.27 15.84 43.69
N LEU A 58 -2.07 16.85 44.00
CA LEU A 58 -1.99 18.19 43.37
C LEU A 58 -0.65 18.86 43.72
N GLN A 59 -0.23 18.79 44.99
CA GLN A 59 1.02 19.44 45.46
C GLN A 59 2.25 18.81 44.79
N LYS A 60 2.30 17.48 44.68
CA LYS A 60 3.52 16.81 44.12
C LYS A 60 3.57 17.10 42.61
N GLN A 61 2.42 17.23 41.93
CA GLN A 61 2.38 17.59 40.48
C GLN A 61 2.84 19.05 40.28
N LEU A 62 2.50 19.93 41.22
CA LEU A 62 2.89 21.37 41.18
C LEU A 62 4.41 21.48 41.08
N GLU A 63 5.16 20.70 41.86
CA GLU A 63 6.66 20.67 41.84
C GLU A 63 7.16 20.27 40.44
N LEU A 64 6.59 19.22 39.86
CA LEU A 64 6.98 18.69 38.51
C LEU A 64 6.69 19.77 37.46
N GLU A 65 5.58 20.49 37.61
CA GLU A 65 5.10 21.51 36.64
C GLU A 65 6.18 22.59 36.44
N GLU A 66 6.81 23.05 37.52
CA GLU A 66 7.83 24.14 37.46
C GLU A 66 9.02 23.67 36.63
N LYS A 67 9.41 22.39 36.77
CA LYS A 67 10.52 21.75 36.01
C LYS A 67 10.16 21.71 34.52
N GLN A 68 8.92 21.37 34.19
CA GLN A 68 8.42 21.24 32.79
C GLN A 68 8.42 22.61 32.11
N ILE A 69 8.07 23.67 32.83
CA ILE A 69 8.13 25.07 32.31
C ILE A 69 9.59 25.37 31.94
N GLU A 70 10.54 25.05 32.80
CA GLU A 70 11.98 25.38 32.57
C GLU A 70 12.45 24.61 31.34
N LEU A 71 12.01 23.37 31.14
CA LEU A 71 12.39 22.56 29.96
C LEU A 71 11.92 23.25 28.67
N LEU A 72 10.68 23.76 28.65
CA LEU A 72 10.13 24.47 27.46
C LEU A 72 11.04 25.65 27.09
N GLU A 73 11.56 26.37 28.07
CA GLU A 73 12.46 27.53 27.83
C GLU A 73 13.78 27.01 27.23
N THR A 74 14.25 25.83 27.64
CA THR A 74 15.41 25.11 27.02
C THR A 74 15.12 24.84 25.55
N LEU A 75 13.90 24.39 25.22
CA LEU A 75 13.49 24.07 23.83
C LEU A 75 13.51 25.34 22.98
N GLN A 76 13.11 26.49 23.52
CA GLN A 76 13.17 27.81 22.84
C GLN A 76 14.61 28.11 22.41
N GLN A 77 15.56 27.90 23.32
CA GLN A 77 17.01 28.15 23.10
C GLN A 77 17.54 27.15 22.07
N THR A 78 17.10 25.89 22.13
CA THR A 78 17.46 24.81 21.17
C THR A 78 16.97 25.20 19.75
N ALA A 79 15.73 25.67 19.63
CA ALA A 79 15.12 26.08 18.34
C ALA A 79 15.89 27.27 17.77
N GLN A 80 16.31 28.21 18.62
CA GLN A 80 17.14 29.40 18.25
C GLN A 80 18.49 28.93 17.69
N GLU A 81 19.15 28.00 18.38
CA GLU A 81 20.47 27.43 17.98
C GLU A 81 20.34 26.75 16.61
N ALA A 82 19.25 26.01 16.39
CA ALA A 82 18.93 25.37 15.09
C ALA A 82 18.80 26.44 14.01
N GLN A 83 18.16 27.57 14.30
CA GLN A 83 17.93 28.67 13.33
C GLN A 83 19.29 29.25 12.91
N GLN A 84 20.20 29.42 13.88
CA GLN A 84 21.58 29.95 13.65
C GLN A 84 22.36 28.96 12.78
N LEU A 85 22.31 27.66 13.11
CA LEU A 85 23.00 26.58 12.33
C LEU A 85 22.41 26.51 10.92
N LEU A 86 21.10 26.73 10.77
CA LEU A 86 20.40 26.68 9.46
C LEU A 86 20.94 27.80 8.54
N GLN A 87 21.17 29.00 9.07
CA GLN A 87 21.72 30.12 8.25
C GLN A 87 23.16 29.77 7.79
N GLU A 88 23.95 29.13 8.66
CA GLU A 88 25.33 28.70 8.34
C GLU A 88 25.29 27.61 7.27
N LEU A 89 24.31 26.72 7.35
CA LEU A 89 24.08 25.66 6.32
C LEU A 89 23.71 26.31 4.99
N GLN A 90 22.84 27.34 5.02
CA GLN A 90 22.46 28.10 3.80
C GLN A 90 23.73 28.67 3.16
N GLN A 91 24.60 29.28 3.97
CA GLN A 91 25.85 29.96 3.50
C GLN A 91 26.78 28.91 2.86
N THR A 92 26.81 27.69 3.40
CA THR A 92 27.65 26.58 2.89
C THR A 92 27.09 26.09 1.55
N GLY A 93 25.77 25.95 1.44
CA GLY A 93 25.10 25.66 0.16
C GLY A 93 25.48 26.68 -0.90
N GLN A 94 25.41 27.96 -0.54
CA GLN A 94 25.74 29.09 -1.45
C GLN A 94 27.19 28.96 -1.94
N GLU A 95 28.12 28.60 -1.05
CA GLU A 95 29.54 28.38 -1.41
C GLU A 95 29.61 27.33 -2.51
N LEU A 96 28.82 26.26 -2.40
CA LEU A 96 28.86 25.10 -3.32
C LEU A 96 28.46 25.54 -4.75
N TRP A 97 27.38 26.33 -4.92
CA TRP A 97 26.96 26.71 -6.30
C TRP A 97 27.80 27.89 -6.83
N GLN A 98 28.32 28.76 -5.95
CA GLN A 98 29.16 29.90 -6.39
C GLN A 98 30.51 29.39 -6.90
N LEU A 99 31.09 28.42 -6.20
CA LEU A 99 32.46 27.90 -6.52
C LEU A 99 32.36 26.80 -7.58
N GLY A 100 31.24 26.07 -7.62
CA GLY A 100 31.03 24.94 -8.55
C GLY A 100 32.24 24.04 -8.57
N GLY A 101 32.82 23.83 -9.75
CA GLY A 101 33.97 22.94 -9.98
C GLY A 101 35.23 23.37 -9.22
N SER A 102 35.27 24.60 -8.68
CA SER A 102 36.41 25.12 -7.90
C SER A 102 36.28 24.75 -6.41
N GLY A 103 35.15 24.16 -6.01
CA GLY A 103 34.93 23.69 -4.63
C GLY A 103 35.87 22.56 -4.26
N GLY A 104 36.07 22.34 -2.96
CA GLY A 104 36.88 21.23 -2.41
C GLY A 104 36.09 20.46 -1.36
N PRO A 105 36.64 19.34 -0.83
CA PRO A 105 35.94 18.49 0.12
C PRO A 105 35.54 19.23 1.41
N GLU A 106 36.28 20.29 1.77
CA GLU A 106 36.04 21.13 2.96
C GLU A 106 34.60 21.63 2.97
N LEU A 107 34.02 21.92 1.79
CA LEU A 107 32.63 22.43 1.66
C LEU A 107 31.64 21.34 2.08
N ARG A 108 31.76 20.14 1.48
CA ARG A 108 30.95 18.96 1.85
C ARG A 108 31.09 18.70 3.35
N GLN A 109 32.30 18.68 3.88
CA GLN A 109 32.58 18.34 5.31
C GLN A 109 31.83 19.35 6.20
N LYS A 110 31.96 20.64 5.92
CA LYS A 110 31.32 21.73 6.70
C LYS A 110 29.79 21.55 6.63
N PHE A 111 29.26 21.31 5.43
CA PHE A 111 27.81 21.13 5.18
C PHE A 111 27.27 19.95 6.01
N GLN A 112 27.98 18.82 5.99
CA GLN A 112 27.55 17.57 6.66
C GLN A 112 27.67 17.74 8.19
N GLN A 113 28.72 18.41 8.66
CA GLN A 113 28.92 18.74 10.10
C GLN A 113 27.75 19.59 10.60
N LEU A 114 27.33 20.60 9.84
CA LEU A 114 26.20 21.50 10.22
C LEU A 114 24.90 20.69 10.23
N ALA A 115 24.63 19.92 9.17
CA ALA A 115 23.38 19.14 9.02
C ALA A 115 23.30 18.10 10.16
N GLN A 116 24.42 17.51 10.57
CA GLN A 116 24.47 16.51 11.68
C GLN A 116 24.21 17.20 13.02
N LYS A 117 24.77 18.39 13.24
CA LYS A 117 24.55 19.18 14.48
C LYS A 117 23.05 19.48 14.59
N ILE A 118 22.42 19.91 13.49
CA ILE A 118 20.97 20.23 13.45
C ILE A 118 20.19 18.96 13.79
N GLN A 119 20.51 17.84 13.13
CA GLN A 119 19.86 16.51 13.37
C GLN A 119 19.95 16.16 14.86
N GLN A 120 21.12 16.31 15.48
CA GLN A 120 21.37 15.97 16.91
C GLN A 120 20.52 16.88 17.81
N LEU A 121 20.40 18.17 17.49
CA LEU A 121 19.53 19.14 18.23
C LEU A 121 18.07 18.67 18.16
N LEU A 122 17.60 18.27 16.98
CA LEU A 122 16.18 17.84 16.75
C LEU A 122 15.90 16.53 17.48
N GLN A 123 16.87 15.60 17.51
CA GLN A 123 16.73 14.29 18.20
C GLN A 123 16.58 14.54 19.71
N LYS A 124 17.43 15.39 20.29
CA LYS A 124 17.37 15.84 21.71
C LYS A 124 16.00 16.47 21.96
N PHE A 125 15.61 17.41 21.09
CA PHE A 125 14.30 18.12 21.12
C PHE A 125 13.15 17.09 21.19
N GLN A 126 13.12 16.13 20.27
CA GLN A 126 12.04 15.10 20.19
C GLN A 126 11.99 14.32 21.52
N GLN A 127 13.14 13.87 22.01
CA GLN A 127 13.25 13.06 23.27
C GLN A 127 12.64 13.84 24.44
N LEU A 128 12.96 15.13 24.54
CA LEU A 128 12.50 15.99 25.67
C LEU A 128 10.99 16.22 25.59
N VAL A 129 10.46 16.47 24.39
CA VAL A 129 8.99 16.67 24.17
C VAL A 129 8.26 15.33 24.44
N ALA A 130 8.78 14.22 23.92
CA ALA A 130 8.21 12.86 24.10
C ALA A 130 8.11 12.54 25.60
N LYS A 131 9.15 12.86 26.37
CA LYS A 131 9.22 12.61 27.83
C LYS A 131 8.19 13.48 28.54
N GLN A 132 8.11 14.77 28.21
CA GLN A 132 7.13 15.70 28.84
C GLN A 132 5.71 15.19 28.55
N LEU A 133 5.46 14.74 27.32
CA LEU A 133 4.15 14.19 26.88
C LEU A 133 3.79 12.96 27.73
N GLU A 134 4.74 12.06 27.96
CA GLU A 134 4.54 10.85 28.80
C GLU A 134 4.12 11.28 30.22
N ASP A 135 4.83 12.25 30.79
CA ASP A 135 4.57 12.76 32.17
C ASP A 135 3.17 13.40 32.22
N GLU A 136 2.74 14.10 31.17
CA GLU A 136 1.38 14.72 31.09
C GLU A 136 0.33 13.60 31.09
N GLU A 137 0.53 12.57 30.27
CA GLU A 137 -0.38 11.41 30.15
C GLU A 137 -0.50 10.71 31.52
N LYS A 138 0.61 10.55 32.24
CA LYS A 138 0.64 9.90 33.57
C LYS A 138 -0.17 10.73 34.57
N PHE A 139 0.00 12.06 34.55
CA PHE A 139 -0.72 12.93 35.52
C PHE A 139 -2.22 12.84 35.25
N ILE A 140 -2.63 12.85 33.98
CA ILE A 140 -4.06 12.75 33.58
C ILE A 140 -4.67 11.46 34.16
N GLU A 141 -3.95 10.33 34.04
CA GLU A 141 -4.44 9.02 34.53
C GLU A 141 -4.61 9.11 36.06
N LEU A 142 -3.71 9.83 36.73
CA LEU A 142 -3.75 10.05 38.20
C LEU A 142 -4.91 11.00 38.56
N LEU A 143 -5.04 12.10 37.80
CA LEU A 143 -6.06 13.16 38.02
C LEU A 143 -7.47 12.57 37.88
N GLU A 144 -7.66 11.68 36.89
CA GLU A 144 -8.96 10.99 36.64
C GLU A 144 -9.47 10.29 37.91
N THR A 145 -8.58 9.77 38.76
CA THR A 145 -8.95 8.95 39.95
C THR A 145 -9.49 9.84 41.08
N ILE A 146 -9.25 11.15 41.03
CA ILE A 146 -9.64 12.10 42.13
C ILE A 146 -10.69 13.10 41.63
N LEU A 147 -11.28 12.89 40.46
CA LEU A 147 -12.41 13.72 39.94
C LEU A 147 -13.64 13.52 40.83
N GLY A 148 -14.57 14.48 40.79
CA GLY A 148 -15.83 14.44 41.57
C GLY A 148 -15.62 14.79 43.02
N GLY A 149 -16.63 14.58 43.86
CA GLY A 149 -16.63 14.94 45.30
C GLY A 149 -16.25 16.39 45.51
N SER A 150 -15.52 16.67 46.60
CA SER A 150 -14.97 18.03 46.92
C SER A 150 -13.83 18.34 45.96
N GLY A 151 -13.87 19.53 45.34
CA GLY A 151 -12.92 19.98 44.32
C GLY A 151 -13.35 19.62 42.91
N GLY A 152 -14.46 18.87 42.77
CA GLY A 152 -14.95 18.30 41.50
C GLY A 152 -14.83 19.28 40.33
N ASP A 153 -15.35 20.50 40.50
CA ASP A 153 -15.46 21.53 39.42
C ASP A 153 -14.06 21.95 38.94
N GLU A 154 -13.19 22.38 39.86
CA GLU A 154 -11.84 22.90 39.50
C GLU A 154 -10.99 21.73 38.94
N LEU A 155 -11.17 20.52 39.45
CA LEU A 155 -10.37 19.35 38.98
C LEU A 155 -10.80 18.99 37.55
N ARG A 156 -12.10 19.11 37.23
CA ARG A 156 -12.62 18.85 35.86
C ARG A 156 -12.08 19.92 34.91
N GLU A 157 -12.01 21.19 35.34
CA GLU A 157 -11.43 22.30 34.54
C GLU A 157 -9.94 22.05 34.32
N LEU A 158 -9.24 21.57 35.35
CA LEU A 158 -7.79 21.23 35.30
C LEU A 158 -7.57 20.12 34.28
N LEU A 159 -8.43 19.10 34.28
CA LEU A 159 -8.35 17.95 33.34
C LEU A 159 -8.54 18.45 31.90
N LYS A 160 -9.56 19.30 31.66
CA LYS A 160 -9.83 19.89 30.33
C LYS A 160 -8.57 20.61 29.82
N GLY A 161 -7.95 21.42 30.69
CA GLY A 161 -6.70 22.13 30.38
C GLY A 161 -5.60 21.17 29.98
N LYS A 162 -5.41 20.11 30.77
CA LYS A 162 -4.31 19.12 30.56
C LYS A 162 -4.53 18.39 29.23
N LEU A 163 -5.78 18.08 28.89
CA LEU A 163 -6.13 17.41 27.60
C LEU A 163 -5.75 18.33 26.42
N GLN A 164 -5.95 19.64 26.55
CA GLN A 164 -5.57 20.63 25.50
C GLN A 164 -4.04 20.72 25.41
N VAL A 165 -3.34 20.72 26.55
CA VAL A 165 -1.84 20.74 26.62
C VAL A 165 -1.30 19.55 25.81
N ILE A 166 -1.88 18.36 26.02
CA ILE A 166 -1.38 17.11 25.37
C ILE A 166 -1.57 17.23 23.84
N LYS A 167 -2.70 17.76 23.38
CA LYS A 167 -2.96 17.98 21.92
C LYS A 167 -1.82 18.83 21.33
N GLN A 168 -1.44 19.91 22.02
CA GLN A 168 -0.40 20.86 21.55
C GLN A 168 0.98 20.18 21.58
N GLN A 169 1.28 19.35 22.58
CA GLN A 169 2.58 18.65 22.67
C GLN A 169 2.70 17.63 21.52
N ARG A 170 1.62 16.95 21.15
CA ARG A 170 1.62 16.02 19.98
C ARG A 170 1.82 16.82 18.69
N GLU A 171 1.23 18.01 18.61
CA GLU A 171 1.39 18.94 17.46
C GLU A 171 2.87 19.32 17.35
N LEU A 172 3.50 19.62 18.49
CA LEU A 172 4.94 20.01 18.57
C LEU A 172 5.82 18.82 18.13
N LEU A 173 5.53 17.61 18.62
CA LEU A 173 6.26 16.38 18.18
C LEU A 173 6.22 16.27 16.65
N GLN A 174 5.04 16.47 16.04
CA GLN A 174 4.86 16.38 14.56
C GLN A 174 5.77 17.40 13.85
N LEU A 175 5.85 18.63 14.36
CA LEU A 175 6.69 19.70 13.74
C LEU A 175 8.16 19.29 13.82
N VAL A 176 8.60 18.67 14.92
CA VAL A 176 10.01 18.23 15.11
C VAL A 176 10.30 17.07 14.15
N GLN A 177 9.31 16.22 13.92
CA GLN A 177 9.39 15.08 12.98
C GLN A 177 9.48 15.64 11.55
N LYS A 178 8.71 16.68 11.22
CA LYS A 178 8.79 17.40 9.92
C LYS A 178 10.18 18.00 9.74
N ALA A 179 10.75 18.57 10.81
CA ALA A 179 12.10 19.19 10.79
C ALA A 179 13.13 18.12 10.43
N GLN A 180 13.01 16.91 10.99
CA GLN A 180 13.96 15.80 10.74
C GLN A 180 13.83 15.34 9.28
N GLN A 181 12.64 15.40 8.68
CA GLN A 181 12.43 15.16 7.23
C GLN A 181 13.21 16.20 6.42
N LEU A 182 13.11 17.48 6.80
CA LEU A 182 13.75 18.59 6.05
C LEU A 182 15.27 18.43 6.12
N VAL A 183 15.82 17.98 7.25
CA VAL A 183 17.28 17.73 7.41
C VAL A 183 17.71 16.71 6.35
N GLN A 184 16.96 15.61 6.21
CA GLN A 184 17.26 14.54 5.23
C GLN A 184 17.18 15.09 3.80
N LYS A 185 16.14 15.88 3.48
CA LYS A 185 15.98 16.51 2.14
C LYS A 185 17.16 17.44 1.87
N LEU A 186 17.58 18.24 2.87
CA LEU A 186 18.73 19.17 2.70
C LEU A 186 20.01 18.37 2.44
N GLN A 187 20.20 17.23 3.13
CA GLN A 187 21.35 16.32 2.94
C GLN A 187 21.32 15.74 1.52
N GLN A 188 20.13 15.38 1.02
CA GLN A 188 19.93 14.86 -0.37
C GLN A 188 20.26 15.95 -1.38
N THR A 189 19.77 17.17 -1.17
CA THR A 189 20.02 18.33 -2.07
C THR A 189 21.50 18.71 -1.98
N GLY A 190 22.07 18.69 -0.76
CA GLY A 190 23.50 18.91 -0.52
C GLY A 190 24.34 17.97 -1.37
N GLN A 191 24.04 16.67 -1.33
CA GLN A 191 24.77 15.64 -2.12
C GLN A 191 24.74 16.02 -3.61
N LYS A 192 23.60 16.49 -4.12
CA LYS A 192 23.47 16.92 -5.54
C LYS A 192 24.40 18.11 -5.80
N LEU A 193 24.62 18.98 -4.80
CA LEU A 193 25.45 20.20 -4.94
C LEU A 193 26.95 19.84 -4.99
N TRP A 194 27.42 18.84 -4.24
CA TRP A 194 28.87 18.50 -4.17
C TRP A 194 29.21 17.24 -4.98
N GLU A 195 28.22 16.53 -5.51
CA GLU A 195 28.39 15.22 -6.20
C GLU A 195 29.45 15.32 -7.31
N ASN A 196 29.39 16.38 -8.13
CA ASN A 196 30.27 16.61 -9.30
C ASN A 196 31.75 16.64 -8.87
N LEU A 197 32.03 17.05 -7.63
CA LEU A 197 33.42 17.22 -7.10
C LEU A 197 34.13 15.87 -7.02
N TYR A 198 33.38 14.76 -6.83
CA TYR A 198 33.94 13.39 -6.74
C TYR A 198 34.55 12.96 -8.08
N PHE A 199 33.98 13.42 -9.20
CA PHE A 199 34.18 12.84 -10.56
C PHE A 199 34.94 13.80 -11.48
N GLN A 200 35.70 14.74 -10.91
CA GLN A 200 36.58 15.67 -11.67
C GLN A 200 37.93 14.98 -11.93
N ALA B 2 -20.06 8.90 19.14
CA ALA B 2 -19.07 9.63 18.29
C ALA B 2 -19.59 9.70 16.85
N SER B 3 -19.19 10.73 16.10
CA SER B 3 -19.70 11.07 14.76
C SER B 3 -19.08 10.13 13.72
N PRO B 4 -19.82 9.76 12.64
CA PRO B 4 -19.23 9.05 11.51
C PRO B 4 -17.99 9.75 10.91
N GLU B 5 -17.96 11.08 10.96
CA GLU B 5 -16.81 11.92 10.48
C GLU B 5 -15.53 11.50 11.24
N LEU B 6 -15.64 11.32 12.55
CA LEU B 6 -14.48 10.97 13.42
C LEU B 6 -14.00 9.56 13.08
N ARG B 7 -14.91 8.63 12.79
CA ARG B 7 -14.56 7.25 12.36
C ARG B 7 -13.82 7.32 11.02
N GLN B 8 -14.30 8.15 10.08
CA GLN B 8 -13.70 8.33 8.74
C GLN B 8 -12.30 8.95 8.88
N GLU B 9 -12.15 9.96 9.73
CA GLU B 9 -10.85 10.61 10.04
C GLU B 9 -9.85 9.54 10.49
N PHE B 10 -10.25 8.68 11.43
CA PHE B 10 -9.43 7.59 11.98
C PHE B 10 -9.06 6.61 10.86
N GLN B 11 -10.05 6.18 10.06
CA GLN B 11 -9.87 5.17 8.98
C GLN B 11 -8.94 5.73 7.90
N GLN B 12 -9.04 7.03 7.58
CA GLN B 12 -8.17 7.72 6.61
C GLN B 12 -6.71 7.62 7.09
N LEU B 13 -6.47 7.88 8.38
CA LEU B 13 -5.10 7.83 8.98
C LEU B 13 -4.55 6.41 8.92
N ILE B 14 -5.37 5.40 9.25
CA ILE B 14 -4.97 3.97 9.20
C ILE B 14 -4.57 3.63 7.75
N GLN B 15 -5.39 4.02 6.78
CA GLN B 15 -5.17 3.75 5.33
C GLN B 15 -3.88 4.43 4.88
N GLU B 16 -3.65 5.68 5.28
CA GLU B 16 -2.43 6.45 4.92
C GLU B 16 -1.20 5.71 5.48
N PHE B 17 -1.27 5.27 6.74
CA PHE B 17 -0.16 4.58 7.44
C PHE B 17 0.09 3.22 6.79
N GLN B 18 -0.98 2.47 6.46
CA GLN B 18 -0.89 1.17 5.75
C GLN B 18 -0.15 1.35 4.42
N GLN B 19 -0.52 2.38 3.65
CA GLN B 19 0.10 2.68 2.33
C GLN B 19 1.57 3.07 2.55
N LEU B 20 1.87 3.87 3.58
CA LEU B 20 3.24 4.32 3.91
C LEU B 20 4.12 3.11 4.25
N LEU B 21 3.60 2.15 5.05
CA LEU B 21 4.38 0.95 5.44
C LEU B 21 4.61 0.07 4.19
N GLN B 22 3.64 0.00 3.28
CA GLN B 22 3.79 -0.70 1.97
C GLN B 22 4.94 -0.04 1.18
N GLU B 23 4.96 1.29 1.13
CA GLU B 23 6.01 2.10 0.46
C GLU B 23 7.37 1.79 1.07
N ILE B 24 7.44 1.77 2.41
CA ILE B 24 8.69 1.46 3.17
C ILE B 24 9.17 0.06 2.79
N GLN B 25 8.28 -0.93 2.77
CA GLN B 25 8.63 -2.34 2.40
C GLN B 25 9.20 -2.37 0.99
N GLN B 26 8.58 -1.64 0.05
CA GLN B 26 9.04 -1.55 -1.37
C GLN B 26 10.45 -0.93 -1.39
N LEU B 27 10.70 0.11 -0.58
CA LEU B 27 12.01 0.81 -0.58
C LEU B 27 13.08 -0.08 0.08
N ILE B 28 12.71 -0.87 1.08
CA ILE B 28 13.64 -1.85 1.71
C ILE B 28 14.08 -2.84 0.62
N ARG B 29 13.16 -3.32 -0.22
CA ARG B 29 13.48 -4.30 -1.29
C ARG B 29 14.40 -3.64 -2.34
N GLU B 30 14.14 -2.38 -2.71
CA GLU B 30 14.97 -1.63 -3.69
C GLU B 30 16.38 -1.41 -3.10
N LEU B 31 16.47 -1.16 -1.79
CA LEU B 31 17.76 -1.01 -1.06
C LEU B 31 18.50 -2.36 -1.05
N LEU B 32 17.79 -3.47 -0.82
CA LEU B 32 18.39 -4.82 -0.81
C LEU B 32 19.01 -5.09 -2.19
N LYS B 33 18.27 -4.78 -3.26
CA LYS B 33 18.68 -5.05 -4.67
C LYS B 33 19.96 -4.27 -5.01
N ILE B 34 20.01 -2.96 -4.72
CA ILE B 34 21.22 -2.14 -5.03
C ILE B 34 22.40 -2.62 -4.16
N LYS B 35 22.16 -2.98 -2.90
CA LYS B 35 23.25 -3.41 -1.97
C LYS B 35 23.87 -4.72 -2.45
N LEU B 36 23.07 -5.64 -2.98
CA LEU B 36 23.56 -6.90 -3.60
C LEU B 36 24.40 -6.57 -4.84
N GLN B 37 23.92 -5.62 -5.67
CA GLN B 37 24.63 -5.14 -6.88
C GLN B 37 25.99 -4.57 -6.47
N ILE B 38 26.03 -3.76 -5.41
CA ILE B 38 27.25 -3.09 -4.87
C ILE B 38 28.22 -4.17 -4.36
N ILE B 39 27.73 -5.17 -3.65
CA ILE B 39 28.57 -6.30 -3.12
C ILE B 39 29.31 -6.97 -4.30
N LYS B 40 28.60 -7.18 -5.41
CA LYS B 40 29.16 -7.80 -6.65
C LYS B 40 30.29 -6.91 -7.16
N GLN B 41 30.03 -5.61 -7.35
CA GLN B 41 31.03 -4.61 -7.81
C GLN B 41 32.24 -4.61 -6.86
N LEU B 42 31.98 -4.62 -5.55
CA LEU B 42 33.02 -4.53 -4.49
C LEU B 42 33.93 -5.76 -4.55
N ARG B 43 33.35 -6.96 -4.72
CA ARG B 43 34.08 -8.25 -4.82
C ARG B 43 34.97 -8.25 -6.07
N GLU B 44 34.43 -7.83 -7.22
CA GLU B 44 35.16 -7.77 -8.51
C GLU B 44 36.31 -6.77 -8.38
N ALA B 45 36.06 -5.60 -7.78
CA ALA B 45 37.06 -4.53 -7.54
C ALA B 45 38.18 -5.07 -6.65
N SER B 46 37.84 -5.84 -5.62
CA SER B 46 38.78 -6.45 -4.63
C SER B 46 39.68 -7.49 -5.33
N GLU B 47 39.08 -8.31 -6.20
CA GLU B 47 39.76 -9.47 -6.85
C GLU B 47 40.82 -8.97 -7.85
N LYS B 48 40.56 -7.88 -8.56
CA LYS B 48 41.48 -7.33 -9.61
C LYS B 48 42.20 -6.07 -9.10
N ALA B 49 42.23 -5.85 -7.78
CA ALA B 49 43.04 -4.79 -7.14
C ALA B 49 44.49 -5.27 -6.99
N ARG B 50 45.42 -4.63 -7.69
CA ARG B 50 46.87 -4.98 -7.71
C ARG B 50 47.58 -4.31 -6.53
N ASN B 51 47.18 -3.08 -6.19
CA ASN B 51 47.71 -2.27 -5.05
C ASN B 51 47.24 -2.92 -3.74
N PRO B 52 48.14 -3.49 -2.91
CA PRO B 52 47.74 -4.18 -1.68
C PRO B 52 46.94 -3.30 -0.69
N GLU B 53 47.30 -2.02 -0.57
CA GLU B 53 46.64 -1.04 0.32
C GLU B 53 45.17 -0.90 -0.08
N LYS B 54 44.90 -0.80 -1.39
CA LYS B 54 43.54 -0.65 -1.97
C LYS B 54 42.78 -1.97 -1.85
N LYS B 55 43.45 -3.11 -2.08
CA LYS B 55 42.85 -4.47 -1.93
C LYS B 55 42.36 -4.65 -0.50
N SER B 56 43.19 -4.27 0.48
CA SER B 56 42.89 -4.33 1.94
C SER B 56 41.60 -3.56 2.25
N VAL B 57 41.50 -2.32 1.73
CA VAL B 57 40.33 -1.42 1.94
C VAL B 57 39.06 -2.09 1.41
N LEU B 58 39.11 -2.56 0.16
CA LEU B 58 37.96 -3.17 -0.56
C LEU B 58 37.56 -4.49 0.11
N GLN B 59 38.55 -5.28 0.54
CA GLN B 59 38.33 -6.61 1.17
C GLN B 59 37.60 -6.46 2.51
N LYS B 60 38.02 -5.52 3.35
CA LYS B 60 37.50 -5.32 4.73
C LYS B 60 36.06 -4.78 4.66
N GLN B 61 35.76 -3.91 3.69
CA GLN B 61 34.39 -3.37 3.46
C GLN B 61 33.48 -4.50 2.98
N LEU B 62 33.97 -5.35 2.07
CA LEU B 62 33.23 -6.51 1.50
C LEU B 62 32.76 -7.43 2.65
N GLU B 63 33.62 -7.66 3.65
CA GLU B 63 33.32 -8.50 4.84
C GLU B 63 32.19 -7.86 5.65
N LEU B 64 32.23 -6.54 5.83
CA LEU B 64 31.20 -5.75 6.55
C LEU B 64 29.86 -5.83 5.79
N GLU B 65 29.90 -5.64 4.46
CA GLU B 65 28.69 -5.59 3.58
C GLU B 65 27.92 -6.92 3.64
N GLU B 66 28.65 -8.04 3.55
CA GLU B 66 28.10 -9.42 3.59
C GLU B 66 27.32 -9.62 4.89
N LYS B 67 27.83 -9.09 6.00
CA LYS B 67 27.20 -9.14 7.35
C LYS B 67 26.03 -8.15 7.40
N GLN B 68 26.20 -6.98 6.77
CA GLN B 68 25.25 -5.82 6.82
C GLN B 68 23.97 -6.14 6.02
N ILE B 69 24.00 -7.16 5.14
CA ILE B 69 22.84 -7.60 4.31
C ILE B 69 21.72 -8.10 5.23
N GLU B 70 22.06 -8.73 6.35
CA GLU B 70 21.08 -9.30 7.31
C GLU B 70 20.28 -8.17 7.97
N LEU B 71 20.83 -6.95 8.04
CA LEU B 71 20.10 -5.76 8.60
C LEU B 71 18.84 -5.50 7.77
N LEU B 72 18.88 -5.72 6.45
CA LEU B 72 17.71 -5.48 5.55
C LEU B 72 16.56 -6.41 5.95
N GLU B 73 16.87 -7.63 6.37
CA GLU B 73 15.88 -8.60 6.90
C GLU B 73 15.27 -8.03 8.18
N THR B 74 16.10 -7.49 9.09
CA THR B 74 15.65 -6.89 10.38
C THR B 74 14.70 -5.72 10.08
N LEU B 75 15.04 -4.87 9.10
CA LEU B 75 14.20 -3.72 8.68
C LEU B 75 12.84 -4.22 8.17
N GLN B 76 12.86 -5.20 7.26
CA GLN B 76 11.64 -5.84 6.69
C GLN B 76 10.76 -6.36 7.85
N GLN B 77 11.36 -7.07 8.81
CA GLN B 77 10.63 -7.72 9.94
C GLN B 77 10.07 -6.64 10.88
N THR B 78 10.82 -5.56 11.13
CA THR B 78 10.40 -4.42 11.97
C THR B 78 9.17 -3.74 11.34
N ALA B 79 9.21 -3.49 10.04
CA ALA B 79 8.11 -2.87 9.26
C ALA B 79 6.89 -3.81 9.27
N GLN B 80 7.12 -5.11 9.11
CA GLN B 80 6.04 -6.12 9.10
C GLN B 80 5.34 -6.15 10.47
N GLU B 81 6.11 -6.09 11.56
CA GLU B 81 5.56 -6.07 12.94
C GLU B 81 4.71 -4.80 13.14
N ALA B 82 5.16 -3.66 12.60
CA ALA B 82 4.42 -2.38 12.65
C ALA B 82 3.10 -2.52 11.87
N GLN B 83 3.13 -3.16 10.70
CA GLN B 83 1.94 -3.41 9.85
C GLN B 83 0.91 -4.25 10.64
N GLN B 84 1.38 -5.24 11.40
CA GLN B 84 0.53 -6.17 12.19
C GLN B 84 -0.09 -5.41 13.37
N LEU B 85 0.69 -4.60 14.09
CA LEU B 85 0.21 -3.78 15.22
C LEU B 85 -0.75 -2.70 14.72
N LEU B 86 -0.57 -2.21 13.49
CA LEU B 86 -1.46 -1.17 12.88
C LEU B 86 -2.85 -1.77 12.63
N GLN B 87 -2.91 -3.03 12.19
CA GLN B 87 -4.20 -3.77 12.00
C GLN B 87 -4.90 -3.91 13.36
N GLU B 88 -4.15 -4.22 14.42
CA GLU B 88 -4.68 -4.32 15.80
C GLU B 88 -5.15 -2.93 16.27
N LEU B 89 -4.40 -1.88 15.93
CA LEU B 89 -4.78 -0.48 16.31
C LEU B 89 -6.07 -0.09 15.58
N GLN B 90 -6.21 -0.46 14.30
CA GLN B 90 -7.43 -0.21 13.48
C GLN B 90 -8.63 -0.84 14.19
N GLN B 91 -8.50 -2.12 14.58
CA GLN B 91 -9.56 -2.90 15.26
C GLN B 91 -9.93 -2.20 16.57
N THR B 92 -8.92 -1.83 17.38
CA THR B 92 -9.11 -1.20 18.72
C THR B 92 -9.77 0.17 18.55
N GLY B 93 -9.33 0.96 17.55
CA GLY B 93 -9.91 2.28 17.25
C GLY B 93 -11.38 2.20 16.88
N GLN B 94 -11.76 1.19 16.07
CA GLN B 94 -13.17 0.96 15.65
C GLN B 94 -14.04 0.62 16.86
N GLU B 95 -13.57 -0.29 17.73
CA GLU B 95 -14.27 -0.67 18.99
C GLU B 95 -14.42 0.58 19.86
N LEU B 96 -13.33 1.33 20.00
CA LEU B 96 -13.28 2.60 20.77
C LEU B 96 -14.27 3.61 20.19
N TRP B 97 -14.33 3.73 18.87
CA TRP B 97 -15.32 4.63 18.19
C TRP B 97 -16.74 4.19 18.55
N GLN B 98 -16.99 2.88 18.48
CA GLN B 98 -18.33 2.27 18.71
C GLN B 98 -18.71 2.38 20.20
N LEU B 99 -17.76 2.23 21.12
CA LEU B 99 -18.04 2.09 22.58
C LEU B 99 -17.42 3.22 23.42
N GLY B 100 -16.42 3.95 22.91
CA GLY B 100 -15.68 4.96 23.69
C GLY B 100 -15.14 4.39 24.99
N GLY B 101 -15.41 5.07 26.11
CA GLY B 101 -15.05 4.60 27.46
C GLY B 101 -16.27 4.12 28.24
N SER B 102 -17.36 3.81 27.55
CA SER B 102 -18.65 3.33 28.15
C SER B 102 -18.42 2.01 28.89
N GLY B 103 -17.63 1.10 28.31
CA GLY B 103 -17.31 -0.22 28.89
C GLY B 103 -16.15 -0.14 29.88
N GLY B 104 -15.46 1.00 29.94
CA GLY B 104 -14.28 1.22 30.82
C GLY B 104 -13.09 1.73 30.01
N PRO B 105 -11.90 1.87 30.63
CA PRO B 105 -10.71 2.39 29.95
C PRO B 105 -9.84 1.33 29.27
N GLU B 106 -10.30 0.07 29.22
CA GLU B 106 -9.51 -1.08 28.68
C GLU B 106 -9.16 -0.82 27.20
N LEU B 107 -10.11 -0.33 26.40
CA LEU B 107 -9.90 -0.04 24.95
C LEU B 107 -8.89 1.10 24.81
N ARG B 108 -9.10 2.17 25.58
CA ARG B 108 -8.20 3.35 25.62
C ARG B 108 -6.76 2.91 25.91
N GLN B 109 -6.56 2.08 26.94
CA GLN B 109 -5.22 1.59 27.38
C GLN B 109 -4.61 0.71 26.27
N LYS B 110 -5.40 -0.18 25.68
CA LYS B 110 -4.97 -1.07 24.57
C LYS B 110 -4.50 -0.20 23.39
N PHE B 111 -5.26 0.85 23.05
CA PHE B 111 -4.97 1.79 21.95
C PHE B 111 -3.60 2.44 22.18
N GLN B 112 -3.37 2.99 23.39
CA GLN B 112 -2.12 3.69 23.78
C GLN B 112 -0.94 2.71 23.77
N GLN B 113 -1.15 1.48 24.24
CA GLN B 113 -0.10 0.43 24.28
C GLN B 113 0.34 0.09 22.84
N LEU B 114 -0.62 -0.07 21.91
CA LEU B 114 -0.35 -0.38 20.48
C LEU B 114 0.39 0.79 19.82
N ALA B 115 -0.05 2.03 20.04
CA ALA B 115 0.57 3.25 19.46
C ALA B 115 2.03 3.36 19.92
N GLN B 116 2.29 3.11 21.21
CA GLN B 116 3.64 3.23 21.82
C GLN B 116 4.54 2.10 21.29
N LYS B 117 4.00 0.90 21.10
CA LYS B 117 4.74 -0.25 20.49
C LYS B 117 5.17 0.12 19.07
N ILE B 118 4.26 0.68 18.27
CA ILE B 118 4.55 1.11 16.87
C ILE B 118 5.63 2.20 16.91
N GLN B 119 5.51 3.18 17.81
CA GLN B 119 6.51 4.28 17.94
C GLN B 119 7.89 3.68 18.24
N GLN B 120 7.96 2.72 19.17
CA GLN B 120 9.23 2.04 19.56
C GLN B 120 9.85 1.35 18.33
N LEU B 121 9.03 0.69 17.49
CA LEU B 121 9.54 -0.02 16.28
C LEU B 121 10.08 1.01 15.27
N LEU B 122 9.39 2.13 15.09
CA LEU B 122 9.83 3.22 14.16
C LEU B 122 11.15 3.82 14.65
N GLN B 123 11.31 4.01 15.96
CA GLN B 123 12.56 4.56 16.56
C GLN B 123 13.70 3.57 16.35
N LYS B 124 13.46 2.28 16.59
CA LYS B 124 14.45 1.19 16.34
C LYS B 124 14.84 1.23 14.85
N PHE B 125 13.85 1.33 13.97
CA PHE B 125 14.02 1.37 12.49
C PHE B 125 14.92 2.56 12.12
N GLN B 126 14.58 3.76 12.61
CA GLN B 126 15.34 5.02 12.38
C GLN B 126 16.80 4.81 12.79
N GLN B 127 17.03 4.33 14.02
CA GLN B 127 18.39 4.13 14.60
C GLN B 127 19.20 3.18 13.71
N LEU B 128 18.60 2.07 13.27
CA LEU B 128 19.28 1.06 12.42
C LEU B 128 19.69 1.68 11.08
N VAL B 129 18.79 2.42 10.43
CA VAL B 129 19.07 3.05 9.09
C VAL B 129 20.11 4.17 9.28
N ALA B 130 19.99 4.99 10.34
CA ALA B 130 20.93 6.09 10.63
C ALA B 130 22.35 5.53 10.82
N LYS B 131 22.49 4.42 11.54
CA LYS B 131 23.80 3.75 11.80
C LYS B 131 24.36 3.24 10.46
N GLN B 132 23.54 2.55 9.67
CA GLN B 132 23.93 2.00 8.33
C GLN B 132 24.40 3.17 7.45
N LEU B 133 23.71 4.30 7.51
CA LEU B 133 24.03 5.53 6.73
C LEU B 133 25.40 6.07 7.16
N GLU B 134 25.68 6.14 8.46
CA GLU B 134 26.98 6.59 9.03
C GLU B 134 28.12 5.72 8.48
N ASP B 135 27.92 4.40 8.43
CA ASP B 135 28.93 3.42 7.96
C ASP B 135 29.19 3.62 6.46
N GLU B 136 28.12 3.83 5.67
CA GLU B 136 28.21 4.06 4.20
C GLU B 136 29.01 5.34 3.93
N GLU B 137 28.75 6.41 4.68
CA GLU B 137 29.40 7.74 4.50
C GLU B 137 30.89 7.63 4.84
N LYS B 138 31.23 6.91 5.91
CA LYS B 138 32.63 6.69 6.36
C LYS B 138 33.40 5.94 5.27
N PHE B 139 32.76 5.01 4.56
CA PHE B 139 33.41 4.22 3.48
C PHE B 139 33.59 5.10 2.23
N ILE B 140 32.64 5.99 1.94
CA ILE B 140 32.71 6.92 0.77
C ILE B 140 33.91 7.86 0.95
N GLU B 141 34.08 8.43 2.14
CA GLU B 141 35.26 9.27 2.52
C GLU B 141 36.54 8.48 2.23
N LEU B 142 36.57 7.21 2.65
CA LEU B 142 37.73 6.29 2.53
C LEU B 142 37.95 5.94 1.05
N LEU B 143 36.87 5.64 0.32
CA LEU B 143 36.89 5.30 -1.13
C LEU B 143 37.45 6.47 -1.95
N GLU B 144 37.08 7.72 -1.60
CA GLU B 144 37.47 8.94 -2.35
C GLU B 144 39.01 9.06 -2.41
N THR B 145 39.71 8.57 -1.38
CA THR B 145 41.20 8.67 -1.24
C THR B 145 41.92 7.67 -2.14
N ILE B 146 41.23 6.66 -2.68
CA ILE B 146 41.85 5.56 -3.48
C ILE B 146 41.28 5.55 -4.90
N LEU B 147 40.70 6.66 -5.38
CA LEU B 147 40.13 6.79 -6.75
C LEU B 147 41.27 6.91 -7.78
N GLY B 148 42.41 7.48 -7.39
CA GLY B 148 43.58 7.69 -8.27
C GLY B 148 44.43 6.42 -8.38
N GLY B 149 44.32 5.71 -9.51
CA GLY B 149 45.11 4.48 -9.79
C GLY B 149 44.55 3.70 -10.97
N SER B 150 44.91 2.42 -11.07
CA SER B 150 44.58 1.51 -12.19
C SER B 150 43.09 1.20 -12.23
N GLY B 151 42.48 0.92 -11.07
CA GLY B 151 41.07 0.53 -10.93
C GLY B 151 40.12 1.73 -10.95
N GLY B 152 40.63 2.92 -11.26
CA GLY B 152 39.91 4.22 -11.20
C GLY B 152 38.47 4.14 -11.67
N ASP B 153 38.22 3.52 -12.82
CA ASP B 153 36.90 3.45 -13.50
C ASP B 153 35.90 2.70 -12.62
N GLU B 154 36.21 1.45 -12.27
CA GLU B 154 35.34 0.57 -11.43
C GLU B 154 35.11 1.24 -10.06
N LEU B 155 36.13 1.87 -9.49
CA LEU B 155 36.06 2.45 -8.12
C LEU B 155 35.15 3.69 -8.11
N ARG B 156 35.08 4.45 -9.21
CA ARG B 156 34.17 5.63 -9.29
C ARG B 156 32.77 5.16 -9.72
N GLU B 157 32.67 4.01 -10.41
CA GLU B 157 31.37 3.31 -10.63
C GLU B 157 30.83 2.81 -9.29
N LEU B 158 31.70 2.25 -8.44
CA LEU B 158 31.37 1.83 -7.05
C LEU B 158 30.89 3.05 -6.26
N LEU B 159 31.60 4.18 -6.39
CA LEU B 159 31.26 5.44 -5.67
C LEU B 159 29.87 5.92 -6.10
N LYS B 160 29.58 5.97 -7.40
CA LYS B 160 28.25 6.38 -7.95
C LYS B 160 27.17 5.50 -7.31
N GLY B 161 27.40 4.18 -7.25
CA GLY B 161 26.48 3.22 -6.60
C GLY B 161 26.27 3.57 -5.14
N LYS B 162 27.33 3.87 -4.39
CA LYS B 162 27.28 4.14 -2.94
C LYS B 162 26.50 5.44 -2.68
N LEU B 163 26.66 6.44 -3.55
CA LEU B 163 25.91 7.72 -3.45
C LEU B 163 24.41 7.44 -3.64
N GLN B 164 24.05 6.50 -4.51
CA GLN B 164 22.64 6.09 -4.75
C GLN B 164 22.08 5.39 -3.50
N VAL B 165 22.89 4.57 -2.84
CA VAL B 165 22.53 3.85 -1.58
C VAL B 165 22.21 4.90 -0.50
N ILE B 166 23.07 5.91 -0.35
CA ILE B 166 22.90 7.03 0.62
C ILE B 166 21.54 7.70 0.36
N LYS B 167 21.27 8.09 -0.89
CA LYS B 167 20.02 8.76 -1.33
C LYS B 167 18.81 7.91 -0.89
N GLN B 168 18.85 6.61 -1.12
CA GLN B 168 17.73 5.68 -0.78
C GLN B 168 17.57 5.57 0.74
N GLN B 169 18.67 5.54 1.49
CA GLN B 169 18.64 5.46 2.98
C GLN B 169 18.06 6.74 3.57
N ARG B 170 18.39 7.91 2.99
CA ARG B 170 17.83 9.21 3.41
C ARG B 170 16.33 9.27 3.10
N GLU B 171 15.90 8.70 1.97
CA GLU B 171 14.46 8.59 1.58
C GLU B 171 13.73 7.73 2.62
N LEU B 172 14.32 6.62 3.04
CA LEU B 172 13.76 5.71 4.06
C LEU B 172 13.64 6.45 5.40
N LEU B 173 14.66 7.22 5.78
CA LEU B 173 14.66 8.00 7.05
C LEU B 173 13.52 9.03 7.03
N GLN B 174 13.25 9.66 5.89
CA GLN B 174 12.13 10.63 5.72
C GLN B 174 10.79 9.90 5.94
N LEU B 175 10.64 8.71 5.35
CA LEU B 175 9.38 7.92 5.44
C LEU B 175 9.12 7.50 6.90
N VAL B 176 10.18 7.17 7.65
CA VAL B 176 10.06 6.79 9.09
C VAL B 176 9.61 8.01 9.90
N GLN B 177 10.06 9.22 9.54
CA GLN B 177 9.60 10.47 10.21
C GLN B 177 8.12 10.71 9.90
N LYS B 178 7.69 10.50 8.65
CA LYS B 178 6.27 10.60 8.23
C LYS B 178 5.43 9.62 9.05
N ALA B 179 5.93 8.38 9.22
CA ALA B 179 5.29 7.32 10.03
C ALA B 179 5.11 7.81 11.47
N GLN B 180 6.12 8.46 12.04
CA GLN B 180 6.07 8.95 13.44
C GLN B 180 5.01 10.06 13.55
N GLN B 181 4.86 10.89 12.53
CA GLN B 181 3.80 11.94 12.50
C GLN B 181 2.43 11.27 12.51
N LEU B 182 2.25 10.19 11.74
CA LEU B 182 0.96 9.46 11.65
C LEU B 182 0.60 8.83 13.00
N VAL B 183 1.59 8.34 13.76
CA VAL B 183 1.37 7.81 15.14
C VAL B 183 0.78 8.92 16.01
N GLN B 184 1.35 10.13 15.97
CA GLN B 184 0.86 11.28 16.76
C GLN B 184 -0.56 11.64 16.32
N LYS B 185 -0.81 11.68 15.01
CA LYS B 185 -2.15 12.00 14.44
C LYS B 185 -3.16 10.93 14.91
N LEU B 186 -2.78 9.66 14.91
CA LEU B 186 -3.66 8.57 15.37
C LEU B 186 -3.97 8.73 16.86
N GLN B 187 -2.98 9.15 17.66
CA GLN B 187 -3.15 9.35 19.12
C GLN B 187 -4.04 10.58 19.37
N GLN B 188 -3.85 11.65 18.58
CA GLN B 188 -4.72 12.85 18.58
C GLN B 188 -6.18 12.44 18.34
N THR B 189 -6.41 11.68 17.27
CA THR B 189 -7.75 11.18 16.86
C THR B 189 -8.28 10.21 17.94
N GLY B 190 -7.41 9.36 18.48
CA GLY B 190 -7.73 8.43 19.58
C GLY B 190 -8.31 9.17 20.77
N GLN B 191 -7.66 10.25 21.20
CA GLN B 191 -8.11 11.10 22.33
C GLN B 191 -9.55 11.57 22.09
N LYS B 192 -9.90 11.95 20.85
CA LYS B 192 -11.26 12.44 20.51
C LYS B 192 -12.29 11.31 20.70
N LEU B 193 -11.89 10.04 20.56
CA LEU B 193 -12.81 8.87 20.64
C LEU B 193 -13.25 8.62 22.10
N TRP B 194 -12.47 9.01 23.10
CA TRP B 194 -12.75 8.69 24.52
C TRP B 194 -12.88 9.95 25.38
N GLU B 195 -12.89 11.14 24.78
CA GLU B 195 -12.66 12.43 25.48
C GLU B 195 -13.93 12.91 26.21
N ASN B 196 -15.12 12.65 25.63
CA ASN B 196 -16.42 13.15 26.14
C ASN B 196 -16.72 12.52 27.51
N LEU B 197 -16.09 11.40 27.86
CA LEU B 197 -16.11 10.78 29.22
C LEU B 197 -16.25 11.90 30.28
N ALA C 2 -38.83 -23.85 -20.99
CA ALA C 2 -37.51 -23.78 -21.68
C ALA C 2 -37.59 -24.51 -23.03
N SER C 3 -37.06 -23.90 -24.08
CA SER C 3 -36.87 -24.50 -25.43
C SER C 3 -35.72 -25.50 -25.36
N PRO C 4 -35.59 -26.40 -26.36
CA PRO C 4 -34.39 -27.23 -26.49
C PRO C 4 -33.11 -26.38 -26.60
N GLU C 5 -33.18 -25.26 -27.33
CA GLU C 5 -32.04 -24.34 -27.56
C GLU C 5 -31.53 -23.81 -26.21
N LEU C 6 -32.44 -23.47 -25.29
CA LEU C 6 -32.07 -22.87 -23.98
C LEU C 6 -31.44 -23.94 -23.08
N ARG C 7 -32.07 -25.11 -22.98
CA ARG C 7 -31.50 -26.27 -22.22
C ARG C 7 -30.08 -26.55 -22.73
N GLN C 8 -29.90 -26.60 -24.04
CA GLN C 8 -28.60 -26.93 -24.71
C GLN C 8 -27.56 -25.84 -24.40
N GLU C 9 -27.99 -24.57 -24.43
CA GLU C 9 -27.14 -23.40 -24.09
C GLU C 9 -26.59 -23.60 -22.68
N PHE C 10 -27.46 -23.92 -21.72
CA PHE C 10 -27.11 -24.15 -20.30
C PHE C 10 -26.13 -25.33 -20.18
N GLN C 11 -26.49 -26.46 -20.78
CA GLN C 11 -25.70 -27.72 -20.68
C GLN C 11 -24.31 -27.50 -21.29
N GLN C 12 -24.22 -26.80 -22.41
CA GLN C 12 -22.94 -26.45 -23.10
C GLN C 12 -22.04 -25.64 -22.15
N LEU C 13 -22.61 -24.67 -21.43
CA LEU C 13 -21.87 -23.82 -20.47
C LEU C 13 -21.38 -24.69 -19.30
N ILE C 14 -22.22 -25.58 -18.78
CA ILE C 14 -21.84 -26.49 -17.66
C ILE C 14 -20.66 -27.35 -18.13
N GLN C 15 -20.76 -27.93 -19.33
CA GLN C 15 -19.71 -28.80 -19.93
C GLN C 15 -18.41 -28.01 -20.10
N GLU C 16 -18.48 -26.82 -20.70
CA GLU C 16 -17.32 -25.92 -20.92
C GLU C 16 -16.64 -25.61 -19.59
N PHE C 17 -17.41 -25.29 -18.55
CA PHE C 17 -16.91 -24.96 -17.19
C PHE C 17 -16.29 -26.20 -16.54
N GLN C 18 -16.94 -27.37 -16.67
CA GLN C 18 -16.41 -28.66 -16.15
C GLN C 18 -15.04 -28.92 -16.75
N GLN C 19 -14.91 -28.79 -18.08
CA GLN C 19 -13.63 -28.98 -18.82
C GLN C 19 -12.60 -27.96 -18.34
N LEU C 20 -13.01 -26.70 -18.13
CA LEU C 20 -12.10 -25.62 -17.67
C LEU C 20 -11.54 -25.96 -16.28
N LEU C 21 -12.38 -26.43 -15.36
CA LEU C 21 -11.93 -26.78 -13.99
C LEU C 21 -10.95 -27.97 -14.05
N GLN C 22 -11.17 -28.92 -14.97
CA GLN C 22 -10.25 -30.06 -15.20
C GLN C 22 -8.91 -29.50 -15.69
N GLU C 23 -8.94 -28.55 -16.64
CA GLU C 23 -7.74 -27.88 -17.21
C GLU C 23 -7.00 -27.12 -16.10
N ILE C 24 -7.75 -26.44 -15.23
CA ILE C 24 -7.19 -25.72 -14.04
C ILE C 24 -6.50 -26.73 -13.12
N GLN C 25 -7.14 -27.85 -12.81
CA GLN C 25 -6.58 -28.89 -11.90
C GLN C 25 -5.29 -29.46 -12.51
N GLN C 26 -5.26 -29.67 -13.84
CA GLN C 26 -4.07 -30.22 -14.54
C GLN C 26 -2.93 -29.20 -14.48
N LEU C 27 -3.22 -27.92 -14.70
CA LEU C 27 -2.19 -26.85 -14.68
C LEU C 27 -1.62 -26.70 -13.26
N ILE C 28 -2.46 -26.81 -12.23
CA ILE C 28 -1.99 -26.77 -10.81
C ILE C 28 -1.04 -27.95 -10.57
N ARG C 29 -1.37 -29.15 -11.05
CA ARG C 29 -0.51 -30.35 -10.91
C ARG C 29 0.85 -30.08 -11.57
N GLU C 30 0.85 -29.42 -12.74
CA GLU C 30 2.08 -29.10 -13.51
C GLU C 30 2.90 -28.07 -12.73
N LEU C 31 2.23 -27.08 -12.14
CA LEU C 31 2.89 -26.02 -11.32
C LEU C 31 3.50 -26.64 -10.07
N LEU C 32 2.78 -27.55 -9.42
CA LEU C 32 3.27 -28.27 -8.21
C LEU C 32 4.56 -29.04 -8.55
N LYS C 33 4.56 -29.73 -9.68
CA LYS C 33 5.70 -30.55 -10.17
C LYS C 33 6.93 -29.64 -10.37
N ILE C 34 6.80 -28.56 -11.15
CA ILE C 34 7.96 -27.66 -11.44
C ILE C 34 8.40 -26.97 -10.14
N LYS C 35 7.47 -26.56 -9.27
CA LYS C 35 7.81 -25.78 -8.06
C LYS C 35 8.57 -26.69 -7.07
N LEU C 36 8.21 -27.97 -6.98
CA LEU C 36 8.93 -28.91 -6.09
C LEU C 36 10.35 -29.15 -6.65
N GLN C 37 10.50 -29.25 -7.97
CA GLN C 37 11.83 -29.39 -8.63
C GLN C 37 12.67 -28.14 -8.30
N ILE C 38 12.08 -26.95 -8.37
CA ILE C 38 12.79 -25.67 -8.12
C ILE C 38 13.18 -25.59 -6.64
N ILE C 39 12.35 -26.10 -5.71
CA ILE C 39 12.71 -26.18 -4.26
C ILE C 39 14.02 -26.96 -4.13
N LYS C 40 14.16 -28.07 -4.85
CA LYS C 40 15.37 -28.93 -4.76
C LYS C 40 16.57 -28.18 -5.36
N GLN C 41 16.36 -27.45 -6.47
CA GLN C 41 17.41 -26.61 -7.13
C GLN C 41 17.84 -25.49 -6.17
N LEU C 42 16.88 -24.84 -5.51
CA LEU C 42 17.14 -23.76 -4.51
C LEU C 42 17.97 -24.32 -3.36
N ARG C 43 17.57 -25.47 -2.80
CA ARG C 43 18.29 -26.12 -1.67
C ARG C 43 19.73 -26.45 -2.09
N GLU C 44 19.91 -27.02 -3.29
CA GLU C 44 21.25 -27.40 -3.83
C GLU C 44 22.10 -26.13 -3.98
N ALA C 45 21.57 -25.08 -4.62
CA ALA C 45 22.27 -23.79 -4.83
C ALA C 45 22.63 -23.17 -3.48
N SER C 46 21.73 -23.26 -2.49
CA SER C 46 21.91 -22.73 -1.12
C SER C 46 23.07 -23.45 -0.41
N GLU C 47 23.13 -24.78 -0.56
CA GLU C 47 24.19 -25.64 0.05
C GLU C 47 25.56 -25.30 -0.57
N LYS C 48 25.60 -25.00 -1.87
CA LYS C 48 26.85 -24.73 -2.64
C LYS C 48 27.35 -23.30 -2.46
N ALA C 49 26.45 -22.35 -2.19
CA ALA C 49 26.72 -20.89 -2.20
C ALA C 49 27.88 -20.55 -1.25
N ARG C 50 28.94 -19.95 -1.80
CA ARG C 50 30.16 -19.52 -1.06
C ARG C 50 29.98 -18.08 -0.56
N ASN C 51 29.32 -17.23 -1.35
CA ASN C 51 29.06 -15.80 -1.04
C ASN C 51 27.91 -15.73 -0.03
N PRO C 52 28.15 -15.24 1.21
CA PRO C 52 27.10 -15.20 2.24
C PRO C 52 25.83 -14.44 1.83
N GLU C 53 25.96 -13.37 1.04
CA GLU C 53 24.79 -12.56 0.60
C GLU C 53 23.91 -13.43 -0.32
N LYS C 54 24.53 -14.24 -1.19
CA LYS C 54 23.81 -15.17 -2.11
C LYS C 54 23.14 -16.28 -1.29
N LYS C 55 23.86 -16.87 -0.32
CA LYS C 55 23.31 -17.94 0.56
C LYS C 55 22.07 -17.39 1.28
N SER C 56 22.17 -16.19 1.85
CA SER C 56 21.09 -15.48 2.58
C SER C 56 19.84 -15.37 1.70
N VAL C 57 19.99 -14.87 0.46
CA VAL C 57 18.88 -14.68 -0.52
C VAL C 57 18.21 -16.02 -0.82
N LEU C 58 19.01 -17.04 -1.11
CA LEU C 58 18.51 -18.39 -1.52
C LEU C 58 17.79 -19.07 -0.36
N GLN C 59 18.35 -19.00 0.86
CA GLN C 59 17.78 -19.64 2.07
C GLN C 59 16.43 -18.99 2.43
N LYS C 60 16.35 -17.66 2.36
CA LYS C 60 15.12 -16.88 2.67
C LYS C 60 14.00 -17.33 1.71
N GLN C 61 14.30 -17.45 0.42
CA GLN C 61 13.30 -17.81 -0.64
C GLN C 61 12.83 -19.25 -0.44
N LEU C 62 13.74 -20.14 -0.02
CA LEU C 62 13.45 -21.56 0.25
C LEU C 62 12.28 -21.67 1.24
N GLU C 63 12.29 -20.87 2.31
CA GLU C 63 11.21 -20.85 3.35
C GLU C 63 9.88 -20.45 2.70
N LEU C 64 9.90 -19.44 1.85
CA LEU C 64 8.67 -18.89 1.18
C LEU C 64 8.14 -19.93 0.20
N GLU C 65 9.04 -20.67 -0.46
CA GLU C 65 8.69 -21.66 -1.51
C GLU C 65 7.80 -22.76 -0.91
N GLU C 66 8.10 -23.22 0.32
CA GLU C 66 7.34 -24.30 0.99
C GLU C 66 5.89 -23.83 1.23
N LYS C 67 5.70 -22.55 1.60
CA LYS C 67 4.37 -21.95 1.82
C LYS C 67 3.59 -21.90 0.50
N GLN C 68 4.28 -21.58 -0.61
CA GLN C 68 3.67 -21.43 -1.96
C GLN C 68 3.20 -22.81 -2.47
N ILE C 69 3.93 -23.88 -2.16
CA ILE C 69 3.52 -25.27 -2.48
C ILE C 69 2.21 -25.55 -1.74
N GLU C 70 2.13 -25.18 -0.46
CA GLU C 70 0.95 -25.40 0.41
C GLU C 70 -0.25 -24.70 -0.20
N LEU C 71 -0.06 -23.47 -0.68
CA LEU C 71 -1.14 -22.63 -1.29
C LEU C 71 -1.68 -23.34 -2.54
N LEU C 72 -0.80 -23.89 -3.39
CA LEU C 72 -1.22 -24.62 -4.62
C LEU C 72 -2.11 -25.80 -4.27
N GLU C 73 -1.83 -26.51 -3.18
CA GLU C 73 -2.67 -27.65 -2.71
C GLU C 73 -4.02 -27.11 -2.25
N THR C 74 -4.06 -25.92 -1.65
CA THR C 74 -5.31 -25.20 -1.28
C THR C 74 -6.14 -24.91 -2.55
N LEU C 75 -5.49 -24.47 -3.64
CA LEU C 75 -6.16 -24.15 -4.92
C LEU C 75 -6.76 -25.43 -5.54
N GLN C 76 -6.10 -26.58 -5.37
CA GLN C 76 -6.63 -27.89 -5.87
C GLN C 76 -7.96 -28.20 -5.15
N GLN C 77 -8.00 -27.99 -3.83
CA GLN C 77 -9.20 -28.24 -2.99
C GLN C 77 -10.30 -27.24 -3.39
N THR C 78 -9.94 -25.99 -3.66
CA THR C 78 -10.88 -24.92 -4.09
C THR C 78 -11.50 -25.29 -5.45
N ALA C 79 -10.69 -25.75 -6.40
CA ALA C 79 -11.14 -26.18 -7.75
C ALA C 79 -12.10 -27.37 -7.60
N GLN C 80 -11.79 -28.31 -6.70
CA GLN C 80 -12.65 -29.50 -6.42
C GLN C 80 -14.00 -29.02 -5.88
N GLU C 81 -14.00 -28.07 -4.94
CA GLU C 81 -15.23 -27.50 -4.32
C GLU C 81 -16.08 -26.83 -5.40
N ALA C 82 -15.45 -26.11 -6.33
CA ALA C 82 -16.12 -25.46 -7.48
C ALA C 82 -16.78 -26.53 -8.37
N GLN C 83 -16.10 -27.66 -8.57
CA GLN C 83 -16.62 -28.77 -9.41
C GLN C 83 -17.90 -29.32 -8.78
N GLN C 84 -17.93 -29.47 -7.45
CA GLN C 84 -19.09 -29.99 -6.67
C GLN C 84 -20.25 -28.99 -6.76
N LEU C 85 -19.97 -27.70 -6.56
CA LEU C 85 -20.99 -26.62 -6.66
C LEU C 85 -21.54 -26.55 -8.09
N LEU C 86 -20.70 -26.74 -9.11
CA LEU C 86 -21.12 -26.70 -10.53
C LEU C 86 -22.12 -27.83 -10.82
N GLN C 87 -21.91 -29.03 -10.26
CA GLN C 87 -22.87 -30.15 -10.47
C GLN C 87 -24.21 -29.80 -9.78
N GLU C 88 -24.17 -29.15 -8.61
CA GLU C 88 -25.39 -28.70 -7.89
C GLU C 88 -26.10 -27.62 -8.73
N LEU C 89 -25.34 -26.73 -9.37
CA LEU C 89 -25.90 -25.68 -10.27
C LEU C 89 -26.56 -26.35 -11.48
N GLN C 90 -25.93 -27.39 -12.04
CA GLN C 90 -26.49 -28.14 -13.20
C GLN C 90 -27.87 -28.69 -12.78
N GLN C 91 -27.96 -29.30 -11.60
CA GLN C 91 -29.18 -29.98 -11.09
C GLN C 91 -30.28 -28.94 -10.87
N THR C 92 -29.92 -27.73 -10.45
CA THR C 92 -30.89 -26.62 -10.23
C THR C 92 -31.41 -26.14 -11.59
N GLY C 93 -30.53 -25.99 -12.58
CA GLY C 93 -30.91 -25.66 -13.97
C GLY C 93 -31.91 -26.68 -14.49
N GLN C 94 -31.63 -27.96 -14.27
CA GLN C 94 -32.48 -29.09 -14.70
C GLN C 94 -33.87 -28.97 -14.05
N GLU C 95 -33.94 -28.66 -12.76
CA GLU C 95 -35.22 -28.42 -12.04
C GLU C 95 -36.04 -27.37 -12.80
N LEU C 96 -35.39 -26.31 -13.27
CA LEU C 96 -36.05 -25.15 -13.91
C LEU C 96 -36.73 -25.57 -15.22
N TRP C 97 -36.07 -26.33 -16.11
CA TRP C 97 -36.71 -26.73 -17.39
C TRP C 97 -37.69 -27.90 -17.17
N GLN C 98 -37.44 -28.78 -16.19
CA GLN C 98 -38.34 -29.93 -15.90
C GLN C 98 -39.67 -29.41 -15.33
N LEU C 99 -39.62 -28.44 -14.41
CA LEU C 99 -40.84 -27.95 -13.71
C LEU C 99 -41.52 -26.87 -14.56
N GLY C 100 -40.75 -26.13 -15.38
CA GLY C 100 -41.27 -25.03 -16.21
C GLY C 100 -42.16 -24.11 -15.39
N GLY C 101 -43.41 -23.93 -15.83
CA GLY C 101 -44.41 -23.05 -15.19
C GLY C 101 -44.75 -23.45 -13.76
N SER C 102 -44.40 -24.68 -13.35
CA SER C 102 -44.65 -25.19 -11.97
C SER C 102 -43.52 -24.80 -11.02
N GLY C 103 -42.44 -24.19 -11.52
CA GLY C 103 -41.31 -23.71 -10.70
C GLY C 103 -41.74 -22.58 -9.78
N GLY C 104 -41.02 -22.41 -8.66
CA GLY C 104 -41.21 -21.31 -7.71
C GLY C 104 -39.93 -20.51 -7.51
N PRO C 105 -39.98 -19.38 -6.76
CA PRO C 105 -38.80 -18.53 -6.56
C PRO C 105 -37.62 -19.28 -5.92
N GLU C 106 -37.90 -20.33 -5.15
CA GLU C 106 -36.90 -21.15 -4.42
C GLU C 106 -35.84 -21.67 -5.40
N LEU C 107 -36.22 -21.97 -6.65
CA LEU C 107 -35.29 -22.46 -7.71
C LEU C 107 -34.33 -21.34 -8.09
N ARG C 108 -34.84 -20.16 -8.44
CA ARG C 108 -34.02 -18.97 -8.75
C ARG C 108 -33.05 -18.70 -7.60
N GLN C 109 -33.55 -18.73 -6.35
CA GLN C 109 -32.77 -18.38 -5.14
C GLN C 109 -31.62 -19.38 -4.98
N LYS C 110 -31.91 -20.68 -5.11
CA LYS C 110 -30.89 -21.75 -5.00
C LYS C 110 -29.84 -21.58 -6.11
N PHE C 111 -30.29 -21.33 -7.34
CA PHE C 111 -29.42 -21.13 -8.54
C PHE C 111 -28.45 -19.97 -8.28
N GLN C 112 -29.00 -18.84 -7.83
CA GLN C 112 -28.23 -17.59 -7.61
C GLN C 112 -27.26 -17.78 -6.44
N GLN C 113 -27.69 -18.43 -5.37
CA GLN C 113 -26.83 -18.76 -4.19
C GLN C 113 -25.63 -19.60 -4.65
N LEU C 114 -25.86 -20.62 -5.48
CA LEU C 114 -24.78 -21.51 -5.98
C LEU C 114 -23.84 -20.72 -6.89
N ALA C 115 -24.37 -19.93 -7.83
CA ALA C 115 -23.58 -19.14 -8.80
C ALA C 115 -22.72 -18.12 -8.03
N GLN C 116 -23.28 -17.51 -6.98
CA GLN C 116 -22.58 -16.51 -6.12
C GLN C 116 -21.46 -17.20 -5.33
N LYS C 117 -21.69 -18.41 -4.81
CA LYS C 117 -20.67 -19.19 -4.07
C LYS C 117 -19.50 -19.52 -5.01
N ILE C 118 -19.81 -19.95 -6.25
CA ILE C 118 -18.78 -20.27 -7.27
C ILE C 118 -17.98 -18.99 -7.57
N GLN C 119 -18.66 -17.87 -7.78
CA GLN C 119 -18.02 -16.56 -8.08
C GLN C 119 -17.05 -16.18 -6.94
N GLN C 120 -17.47 -16.33 -5.69
CA GLN C 120 -16.65 -16.00 -4.49
C GLN C 120 -15.42 -16.92 -4.43
N LEU C 121 -15.58 -18.20 -4.76
CA LEU C 121 -14.46 -19.19 -4.85
C LEU C 121 -13.44 -18.71 -5.90
N LEU C 122 -13.91 -18.29 -7.08
CA LEU C 122 -13.03 -17.89 -8.21
C LEU C 122 -12.34 -16.57 -7.88
N GLN C 123 -13.01 -15.67 -7.17
CA GLN C 123 -12.43 -14.36 -6.77
C GLN C 123 -11.28 -14.63 -5.79
N LYS C 124 -11.51 -15.46 -4.78
CA LYS C 124 -10.48 -15.94 -3.81
C LYS C 124 -9.32 -16.57 -4.60
N PHE C 125 -9.64 -17.50 -5.49
CA PHE C 125 -8.67 -18.22 -6.36
C PHE C 125 -7.79 -17.19 -7.10
N GLN C 126 -8.40 -16.23 -7.80
CA GLN C 126 -7.67 -15.19 -8.61
C GLN C 126 -6.71 -14.41 -7.69
N GLN C 127 -7.18 -13.98 -6.51
CA GLN C 127 -6.39 -13.16 -5.56
C GLN C 127 -5.14 -13.94 -5.12
N LEU C 128 -5.29 -15.23 -4.83
CA LEU C 128 -4.18 -16.09 -4.31
C LEU C 128 -3.16 -16.33 -5.43
N VAL C 129 -3.60 -16.59 -6.66
CA VAL C 129 -2.69 -16.78 -7.83
C VAL C 129 -1.97 -15.47 -8.13
N ALA C 130 -2.70 -14.34 -8.16
CA ALA C 130 -2.15 -12.98 -8.39
C ALA C 130 -1.04 -12.68 -7.37
N LYS C 131 -1.29 -13.00 -6.10
CA LYS C 131 -0.33 -12.78 -4.99
C LYS C 131 0.92 -13.64 -5.23
N GLN C 132 0.75 -14.93 -5.54
CA GLN C 132 1.89 -15.85 -5.76
C GLN C 132 2.71 -15.35 -6.96
N LEU C 133 2.03 -14.90 -8.02
CA LEU C 133 2.65 -14.34 -9.25
C LEU C 133 3.52 -13.13 -8.88
N GLU C 134 2.97 -12.20 -8.09
CA GLU C 134 3.70 -11.00 -7.59
C GLU C 134 4.99 -11.43 -6.88
N ASP C 135 4.88 -12.40 -5.96
CA ASP C 135 6.02 -12.93 -5.15
C ASP C 135 7.07 -13.59 -6.05
N GLU C 136 6.66 -14.26 -7.14
CA GLU C 136 7.60 -14.88 -8.11
C GLU C 136 8.35 -13.76 -8.84
N GLU C 137 7.65 -12.75 -9.33
CA GLU C 137 8.23 -11.58 -10.05
C GLU C 137 9.28 -10.90 -9.16
N LYS C 138 8.97 -10.74 -7.86
CA LYS C 138 9.86 -10.10 -6.87
C LYS C 138 11.13 -10.93 -6.69
N PHE C 139 10.99 -12.25 -6.54
CA PHE C 139 12.17 -13.13 -6.35
C PHE C 139 13.07 -13.07 -7.59
N ILE C 140 12.47 -13.07 -8.80
CA ILE C 140 13.22 -12.98 -10.09
C ILE C 140 14.06 -11.69 -10.09
N GLU C 141 13.46 -10.56 -9.68
CA GLU C 141 14.14 -9.24 -9.66
C GLU C 141 15.32 -9.29 -8.68
N LEU C 142 15.16 -10.03 -7.58
CA LEU C 142 16.22 -10.24 -6.55
C LEU C 142 17.29 -11.19 -7.09
N LEU C 143 16.86 -12.29 -7.72
CA LEU C 143 17.75 -13.35 -8.27
C LEU C 143 18.68 -12.75 -9.32
N GLU C 144 18.15 -11.89 -10.20
CA GLU C 144 18.90 -11.19 -11.28
C GLU C 144 20.14 -10.48 -10.72
N THR C 145 20.10 -9.97 -9.49
CA THR C 145 21.18 -9.14 -8.89
C THR C 145 22.36 -10.03 -8.46
N ILE C 146 22.15 -11.33 -8.26
CA ILE C 146 23.18 -12.27 -7.74
C ILE C 146 23.60 -13.29 -8.81
N LEU C 147 23.22 -13.09 -10.08
CA LEU C 147 23.68 -13.92 -11.22
C LEU C 147 25.18 -13.70 -11.44
N GLY C 148 25.86 -14.68 -12.04
CA GLY C 148 27.30 -14.64 -12.34
C GLY C 148 28.14 -14.97 -11.11
N GLY C 149 29.46 -14.80 -11.22
CA GLY C 149 30.44 -15.17 -10.17
C GLY C 149 30.30 -16.62 -9.78
N SER C 150 30.51 -16.95 -8.49
CA SER C 150 30.36 -18.31 -7.94
C SER C 150 28.87 -18.65 -7.83
N GLY C 151 28.48 -19.86 -8.28
CA GLY C 151 27.09 -20.33 -8.34
C GLY C 151 26.38 -19.92 -9.63
N GLY C 152 27.07 -19.19 -10.51
CA GLY C 152 26.50 -18.57 -11.73
C GLY C 152 25.66 -19.53 -12.54
N ASP C 153 26.17 -20.74 -12.82
CA ASP C 153 25.50 -21.76 -13.68
C ASP C 153 24.18 -22.17 -13.04
N GLU C 154 24.20 -22.58 -11.76
CA GLU C 154 23.01 -23.06 -11.01
C GLU C 154 21.98 -21.93 -10.93
N LEU C 155 22.43 -20.71 -10.65
CA LEU C 155 21.52 -19.54 -10.47
C LEU C 155 20.85 -19.20 -11.82
N ARG C 156 21.58 -19.33 -12.93
CA ARG C 156 21.03 -19.08 -14.29
C ARG C 156 19.95 -20.12 -14.59
N GLU C 157 20.18 -21.39 -14.24
CA GLU C 157 19.20 -22.49 -14.42
C GLU C 157 17.97 -22.24 -13.53
N LEU C 158 18.20 -21.78 -12.30
CA LEU C 158 17.11 -21.41 -11.35
C LEU C 158 16.26 -20.29 -11.95
N LEU C 159 16.91 -19.30 -12.58
CA LEU C 159 16.20 -18.14 -13.21
C LEU C 159 15.34 -18.66 -14.36
N LYS C 160 15.88 -19.51 -15.23
CA LYS C 160 15.14 -20.09 -16.38
C LYS C 160 13.88 -20.80 -15.89
N GLY C 161 14.01 -21.62 -14.84
CA GLY C 161 12.89 -22.34 -14.20
C GLY C 161 11.83 -21.38 -13.69
N LYS C 162 12.25 -20.30 -13.02
CA LYS C 162 11.35 -19.28 -12.42
C LYS C 162 10.58 -18.55 -13.53
N LEU C 163 11.25 -18.25 -14.65
CA LEU C 163 10.61 -17.59 -15.83
C LEU C 163 9.51 -18.51 -16.40
N GLN C 164 9.73 -19.83 -16.40
CA GLN C 164 8.72 -20.82 -16.86
C GLN C 164 7.53 -20.84 -15.88
N VAL C 165 7.81 -20.87 -14.57
CA VAL C 165 6.78 -20.86 -13.49
C VAL C 165 5.84 -19.67 -13.70
N ILE C 166 6.39 -18.49 -13.99
CA ILE C 166 5.64 -17.23 -14.17
C ILE C 166 4.68 -17.36 -15.37
N LYS C 167 5.17 -17.87 -16.50
CA LYS C 167 4.35 -18.12 -17.72
C LYS C 167 3.12 -18.96 -17.35
N GLN C 168 3.32 -20.05 -16.62
CA GLN C 168 2.27 -21.02 -16.22
C GLN C 168 1.29 -20.34 -15.24
N GLN C 169 1.78 -19.50 -14.33
CA GLN C 169 0.91 -18.79 -13.36
C GLN C 169 0.03 -17.79 -14.11
N ARG C 170 0.56 -17.09 -15.12
CA ARG C 170 -0.25 -16.15 -15.96
C ARG C 170 -1.28 -16.95 -16.75
N GLU C 171 -0.91 -18.14 -17.22
CA GLU C 171 -1.83 -19.06 -17.93
C GLU C 171 -2.97 -19.45 -16.95
N LEU C 172 -2.63 -19.78 -15.71
CA LEU C 172 -3.61 -20.18 -14.65
C LEU C 172 -4.54 -18.99 -14.37
N LEU C 173 -3.98 -17.78 -14.27
CA LEU C 173 -4.76 -16.54 -14.03
C LEU C 173 -5.81 -16.38 -15.14
N GLN C 174 -5.42 -16.59 -16.40
CA GLN C 174 -6.34 -16.48 -17.58
C GLN C 174 -7.48 -17.51 -17.47
N LEU C 175 -7.19 -18.74 -17.02
CA LEU C 175 -8.24 -19.80 -16.90
C LEU C 175 -9.26 -19.39 -15.83
N VAL C 176 -8.82 -18.77 -14.73
CA VAL C 176 -9.70 -18.32 -13.62
C VAL C 176 -10.55 -17.14 -14.13
N GLN C 177 -9.97 -16.28 -14.96
CA GLN C 177 -10.70 -15.15 -15.60
C GLN C 177 -11.75 -15.71 -16.57
N LYS C 178 -11.41 -16.76 -17.34
CA LYS C 178 -12.36 -17.46 -18.22
C LYS C 178 -13.52 -18.05 -17.39
N ALA C 179 -13.21 -18.65 -16.25
CA ALA C 179 -14.21 -19.26 -15.33
C ALA C 179 -15.19 -18.18 -14.87
N GLN C 180 -14.69 -16.97 -14.56
CA GLN C 180 -15.55 -15.86 -14.09
C GLN C 180 -16.47 -15.40 -15.23
N GLN C 181 -16.02 -15.48 -16.49
CA GLN C 181 -16.87 -15.23 -17.68
C GLN C 181 -18.00 -16.25 -17.73
N LEU C 182 -17.68 -17.53 -17.54
CA LEU C 182 -18.66 -18.64 -17.63
C LEU C 182 -19.72 -18.47 -16.52
N VAL C 183 -19.32 -18.02 -15.34
CA VAL C 183 -20.26 -17.78 -14.21
C VAL C 183 -21.29 -16.74 -14.66
N GLN C 184 -20.84 -15.66 -15.31
CA GLN C 184 -21.75 -14.58 -15.80
C GLN C 184 -22.68 -15.13 -16.86
N LYS C 185 -22.15 -15.94 -17.81
CA LYS C 185 -22.96 -16.55 -18.89
C LYS C 185 -24.01 -17.49 -18.29
N LEU C 186 -23.64 -18.28 -17.28
CA LEU C 186 -24.57 -19.22 -16.59
C LEU C 186 -25.66 -18.40 -15.88
N GLN C 187 -25.32 -17.26 -15.29
CA GLN C 187 -26.30 -16.38 -14.60
C GLN C 187 -27.24 -15.74 -15.64
N GLN C 188 -26.73 -15.38 -16.82
CA GLN C 188 -27.54 -14.86 -17.96
C GLN C 188 -28.49 -15.96 -18.47
N THR C 189 -27.98 -17.18 -18.66
CA THR C 189 -28.79 -18.34 -19.13
C THR C 189 -29.80 -18.71 -18.04
N GLY C 190 -29.37 -18.71 -16.77
CA GLY C 190 -30.25 -18.93 -15.60
C GLY C 190 -31.44 -17.99 -15.63
N GLN C 191 -31.19 -16.70 -15.82
CA GLN C 191 -32.24 -15.65 -15.92
C GLN C 191 -33.25 -16.03 -17.01
N LYS C 192 -32.78 -16.51 -18.17
CA LYS C 192 -33.67 -16.95 -19.27
C LYS C 192 -34.53 -18.14 -18.82
N LEU C 193 -33.99 -19.00 -17.94
CA LEU C 193 -34.68 -20.22 -17.45
C LEU C 193 -35.80 -19.87 -16.44
N TRP C 194 -35.62 -18.85 -15.59
CA TRP C 194 -36.63 -18.53 -14.52
C TRP C 194 -37.43 -17.26 -14.85
N GLU C 195 -37.09 -16.55 -15.94
CA GLU C 195 -37.72 -15.24 -16.31
C GLU C 195 -39.24 -15.36 -16.38
N ASN C 196 -39.75 -16.44 -16.99
CA ASN C 196 -41.20 -16.68 -17.24
C ASN C 196 -41.98 -16.70 -15.91
N LEU C 197 -41.32 -17.09 -14.81
CA LEU C 197 -41.98 -17.24 -13.48
C LEU C 197 -42.43 -15.88 -12.94
N TYR C 198 -41.79 -14.79 -13.36
CA TYR C 198 -42.15 -13.39 -12.94
C TYR C 198 -43.49 -12.98 -13.55
N PHE C 199 -43.81 -13.48 -14.75
CA PHE C 199 -44.97 -13.04 -15.58
C PHE C 199 -45.97 -14.18 -15.74
N ALA D 2 14.84 -8.99 -31.68
CA ALA D 2 13.57 -9.74 -31.59
C ALA D 2 12.89 -9.81 -32.95
N SER D 3 12.08 -10.83 -33.19
CA SER D 3 11.49 -11.16 -34.51
C SER D 3 10.33 -10.22 -34.83
N PRO D 4 10.14 -9.87 -36.13
CA PRO D 4 8.93 -9.17 -36.56
C PRO D 4 7.63 -9.86 -36.11
N GLU D 5 7.65 -11.20 -36.02
CA GLU D 5 6.50 -12.04 -35.57
C GLU D 5 6.09 -11.64 -34.14
N LEU D 6 7.07 -11.42 -33.26
CA LEU D 6 6.83 -11.08 -31.83
C LEU D 6 6.24 -9.68 -31.73
N ARG D 7 6.69 -8.74 -32.57
CA ARG D 7 6.12 -7.36 -32.65
C ARG D 7 4.66 -7.45 -33.09
N GLN D 8 4.38 -8.28 -34.11
CA GLN D 8 3.03 -8.49 -34.69
C GLN D 8 2.10 -9.08 -33.62
N GLU D 9 2.57 -10.09 -32.88
CA GLU D 9 1.87 -10.73 -31.74
C GLU D 9 1.47 -9.65 -30.72
N PHE D 10 2.41 -8.78 -30.37
CA PHE D 10 2.20 -7.67 -29.41
C PHE D 10 1.17 -6.69 -29.96
N GLN D 11 1.33 -6.25 -31.22
CA GLN D 11 0.44 -5.26 -31.87
C GLN D 11 -0.97 -5.84 -32.00
N GLN D 12 -1.09 -7.15 -32.27
CA GLN D 12 -2.41 -7.85 -32.37
C GLN D 12 -3.14 -7.75 -31.02
N LEU D 13 -2.43 -8.01 -29.91
CA LEU D 13 -3.00 -7.95 -28.54
C LEU D 13 -3.44 -6.51 -28.23
N ILE D 14 -2.62 -5.51 -28.59
CA ILE D 14 -2.94 -4.08 -28.35
C ILE D 14 -4.24 -3.73 -29.11
N GLN D 15 -4.33 -4.14 -30.38
CA GLN D 15 -5.49 -3.86 -31.27
C GLN D 15 -6.76 -4.51 -30.70
N GLU D 16 -6.66 -5.76 -30.26
CA GLU D 16 -7.78 -6.52 -29.66
C GLU D 16 -8.28 -5.80 -28.41
N PHE D 17 -7.35 -5.34 -27.57
CA PHE D 17 -7.67 -4.65 -26.29
C PHE D 17 -8.29 -3.28 -26.59
N GLN D 18 -7.74 -2.53 -27.56
CA GLN D 18 -8.30 -1.23 -28.01
C GLN D 18 -9.75 -1.44 -28.48
N GLN D 19 -9.99 -2.46 -29.29
CA GLN D 19 -11.35 -2.78 -29.82
C GLN D 19 -12.27 -3.17 -28.65
N LEU D 20 -11.77 -3.94 -27.68
CA LEU D 20 -12.55 -4.39 -26.50
C LEU D 20 -12.94 -3.19 -25.64
N LEU D 21 -12.03 -2.24 -25.43
CA LEU D 21 -12.31 -1.04 -24.61
C LEU D 21 -13.34 -0.14 -25.33
N GLN D 22 -13.29 -0.08 -26.67
CA GLN D 22 -14.29 0.65 -27.50
C GLN D 22 -15.67 -0.02 -27.31
N GLU D 23 -15.71 -1.36 -27.34
CA GLU D 23 -16.94 -2.18 -27.12
C GLU D 23 -17.50 -1.87 -25.72
N ILE D 24 -16.64 -1.84 -24.70
CA ILE D 24 -17.01 -1.53 -23.29
C ILE D 24 -17.60 -0.11 -23.23
N GLN D 25 -16.98 0.86 -23.91
CA GLN D 25 -17.47 2.27 -23.93
C GLN D 25 -18.87 2.33 -24.56
N GLN D 26 -19.10 1.55 -25.63
CA GLN D 26 -20.43 1.51 -26.30
C GLN D 26 -21.46 0.92 -25.35
N LEU D 27 -21.10 -0.15 -24.63
CA LEU D 27 -22.04 -0.87 -23.71
C LEU D 27 -22.33 0.02 -22.48
N ILE D 28 -21.36 0.80 -22.03
CA ILE D 28 -21.59 1.81 -20.94
C ILE D 28 -22.66 2.80 -21.42
N ARG D 29 -22.59 3.27 -22.67
CA ARG D 29 -23.56 4.25 -23.23
C ARG D 29 -24.94 3.58 -23.36
N GLU D 30 -25.01 2.32 -23.81
CA GLU D 30 -26.28 1.55 -23.90
C GLU D 30 -26.88 1.40 -22.49
N LEU D 31 -26.04 1.14 -21.48
CA LEU D 31 -26.47 0.99 -20.07
C LEU D 31 -27.00 2.33 -19.55
N LEU D 32 -26.33 3.44 -19.87
CA LEU D 32 -26.77 4.81 -19.47
C LEU D 32 -28.16 5.07 -20.07
N LYS D 33 -28.35 4.77 -21.36
CA LYS D 33 -29.62 5.00 -22.10
C LYS D 33 -30.77 4.22 -21.45
N ILE D 34 -30.62 2.91 -21.21
CA ILE D 34 -31.74 2.11 -20.62
C ILE D 34 -32.01 2.58 -19.18
N LYS D 35 -30.98 2.94 -18.41
CA LYS D 35 -31.13 3.36 -17.00
C LYS D 35 -31.89 4.69 -16.92
N LEU D 36 -31.66 5.60 -17.86
CA LEU D 36 -32.42 6.87 -17.97
C LEU D 36 -33.89 6.57 -18.30
N GLN D 37 -34.13 5.64 -19.23
CA GLN D 37 -35.47 5.16 -19.64
C GLN D 37 -36.21 4.61 -18.41
N ILE D 38 -35.52 3.83 -17.58
CA ILE D 38 -36.09 3.13 -16.39
C ILE D 38 -36.38 4.16 -15.29
N ILE D 39 -35.51 5.16 -15.12
CA ILE D 39 -35.75 6.28 -14.15
C ILE D 39 -37.09 6.94 -14.50
N LYS D 40 -37.34 7.21 -15.78
CA LYS D 40 -38.62 7.82 -16.27
C LYS D 40 -39.79 6.90 -15.91
N GLN D 41 -39.68 5.60 -16.18
CA GLN D 41 -40.72 4.59 -15.85
C GLN D 41 -40.95 4.59 -14.32
N LEU D 42 -39.86 4.63 -13.55
CA LEU D 42 -39.88 4.54 -12.07
C LEU D 42 -40.55 5.78 -11.48
N ARG D 43 -40.24 6.97 -12.02
CA ARG D 43 -40.85 8.27 -11.59
C ARG D 43 -42.35 8.24 -11.88
N GLU D 44 -42.74 7.86 -13.10
CA GLU D 44 -44.16 7.77 -13.55
C GLU D 44 -44.93 6.83 -12.61
N ALA D 45 -44.37 5.65 -12.35
CA ALA D 45 -44.96 4.58 -11.49
C ALA D 45 -45.13 5.09 -10.06
N SER D 46 -44.15 5.83 -9.55
CA SER D 46 -44.13 6.44 -8.19
C SER D 46 -45.25 7.49 -8.07
N GLU D 47 -45.43 8.31 -9.10
CA GLU D 47 -46.40 9.43 -9.13
C GLU D 47 -47.83 8.89 -9.20
N LYS D 48 -48.04 7.77 -9.90
CA LYS D 48 -49.39 7.15 -10.13
C LYS D 48 -49.76 6.22 -8.97
N ALA D 49 -48.77 5.72 -8.21
CA ALA D 49 -48.95 4.72 -7.13
C ALA D 49 -49.98 5.23 -6.10
N ARG D 50 -51.05 4.47 -5.89
CA ARG D 50 -52.17 4.80 -4.95
C ARG D 50 -51.89 4.18 -3.57
N ASN D 51 -51.19 3.03 -3.53
CA ASN D 51 -50.86 2.28 -2.31
C ASN D 51 -49.62 2.91 -1.67
N PRO D 52 -49.73 3.54 -0.48
CA PRO D 52 -48.59 4.25 0.13
C PRO D 52 -47.33 3.38 0.32
N GLU D 53 -47.50 2.10 0.67
CA GLU D 53 -46.40 1.11 0.87
C GLU D 53 -45.65 0.93 -0.46
N LYS D 54 -46.38 0.85 -1.58
CA LYS D 54 -45.82 0.67 -2.94
C LYS D 54 -45.18 1.97 -3.42
N LYS D 55 -45.80 3.13 -3.11
CA LYS D 55 -45.24 4.47 -3.44
C LYS D 55 -43.89 4.62 -2.73
N SER D 56 -43.83 4.29 -1.44
CA SER D 56 -42.60 4.35 -0.59
C SER D 56 -41.46 3.60 -1.26
N VAL D 57 -41.70 2.36 -1.68
CA VAL D 57 -40.72 1.45 -2.35
C VAL D 57 -40.17 2.14 -3.60
N LEU D 58 -41.07 2.60 -4.48
CA LEU D 58 -40.74 3.20 -5.80
C LEU D 58 -40.01 4.53 -5.61
N GLN D 59 -40.44 5.34 -4.63
CA GLN D 59 -39.86 6.67 -4.32
C GLN D 59 -38.41 6.48 -3.86
N LYS D 60 -38.17 5.55 -2.94
CA LYS D 60 -36.85 5.31 -2.29
C LYS D 60 -35.84 4.82 -3.35
N GLN D 61 -36.26 3.92 -4.24
CA GLN D 61 -35.40 3.39 -5.34
C GLN D 61 -35.07 4.51 -6.33
N LEU D 62 -36.04 5.38 -6.63
CA LEU D 62 -35.91 6.52 -7.57
C LEU D 62 -34.76 7.44 -7.09
N GLU D 63 -34.74 7.76 -5.80
CA GLU D 63 -33.68 8.58 -5.14
C GLU D 63 -32.32 7.90 -5.33
N LEU D 64 -32.27 6.58 -5.12
CA LEU D 64 -31.05 5.75 -5.34
C LEU D 64 -30.60 5.92 -6.79
N GLU D 65 -31.48 5.62 -7.75
CA GLU D 65 -31.18 5.58 -9.22
C GLU D 65 -30.58 6.89 -9.69
N GLU D 66 -31.19 8.02 -9.31
CA GLU D 66 -30.75 9.40 -9.66
C GLU D 66 -29.29 9.59 -9.25
N LYS D 67 -28.90 9.07 -8.08
CA LYS D 67 -27.53 9.13 -7.53
C LYS D 67 -26.62 8.15 -8.29
N GLN D 68 -27.15 6.97 -8.64
CA GLN D 68 -26.38 5.84 -9.24
C GLN D 68 -26.07 6.14 -10.72
N ILE D 69 -26.71 7.14 -11.32
CA ILE D 69 -26.46 7.57 -12.74
C ILE D 69 -25.02 8.05 -12.87
N GLU D 70 -24.48 8.70 -11.83
CA GLU D 70 -23.11 9.28 -11.82
C GLU D 70 -22.07 8.14 -11.87
N LEU D 71 -22.42 6.92 -11.46
CA LEU D 71 -21.49 5.75 -11.54
C LEU D 71 -21.13 5.48 -13.01
N LEU D 72 -22.07 5.66 -13.95
CA LEU D 72 -21.85 5.42 -15.41
C LEU D 72 -20.74 6.35 -15.90
N GLU D 73 -20.73 7.60 -15.41
CA GLU D 73 -19.66 8.58 -15.69
C GLU D 73 -18.31 8.00 -15.21
N THR D 74 -18.29 7.47 -13.99
CA THR D 74 -17.07 6.88 -13.35
C THR D 74 -16.60 5.67 -14.18
N LEU D 75 -17.52 4.85 -14.66
CA LEU D 75 -17.19 3.69 -15.52
C LEU D 75 -16.56 4.19 -16.82
N GLN D 76 -17.18 5.17 -17.47
CA GLN D 76 -16.69 5.81 -18.72
C GLN D 76 -15.27 6.33 -18.50
N GLN D 77 -15.04 7.04 -17.38
CA GLN D 77 -13.73 7.67 -17.05
C GLN D 77 -12.68 6.58 -16.79
N THR D 78 -13.06 5.51 -16.09
CA THR D 78 -12.18 4.35 -15.77
C THR D 78 -11.73 3.67 -17.07
N ALA D 79 -12.67 3.40 -17.98
CA ALA D 79 -12.39 2.78 -19.30
C ALA D 79 -11.51 3.72 -20.12
N GLN D 80 -11.77 5.03 -20.07
CA GLN D 80 -10.99 6.05 -20.83
C GLN D 80 -9.54 6.09 -20.32
N GLU D 81 -9.33 6.02 -19.01
CA GLU D 81 -7.97 6.01 -18.40
C GLU D 81 -7.24 4.73 -18.84
N ALA D 82 -7.94 3.59 -18.89
CA ALA D 82 -7.39 2.30 -19.39
C ALA D 82 -6.97 2.46 -20.85
N GLN D 83 -7.80 3.09 -21.68
CA GLN D 83 -7.51 3.34 -23.13
C GLN D 83 -6.21 4.15 -23.25
N GLN D 84 -6.06 5.19 -22.41
CA GLN D 84 -4.87 6.10 -22.41
C GLN D 84 -3.62 5.31 -22.01
N LEU D 85 -3.69 4.51 -20.94
CA LEU D 85 -2.54 3.69 -20.44
C LEU D 85 -2.18 2.61 -21.47
N LEU D 86 -3.16 2.11 -22.21
CA LEU D 86 -2.95 1.07 -23.25
C LEU D 86 -2.13 1.66 -24.41
N GLN D 87 -2.37 2.93 -24.77
CA GLN D 87 -1.59 3.67 -25.81
C GLN D 87 -0.14 3.82 -25.31
N GLU D 88 0.05 4.10 -24.02
CA GLU D 88 1.40 4.23 -23.39
C GLU D 88 2.07 2.85 -23.36
N LEU D 89 1.30 1.78 -23.09
CA LEU D 89 1.83 0.39 -23.08
C LEU D 89 2.26 0.01 -24.50
N GLN D 90 1.47 0.38 -25.52
CA GLN D 90 1.79 0.13 -26.96
C GLN D 90 3.16 0.75 -27.27
N GLN D 91 3.34 2.03 -26.92
CA GLN D 91 4.59 2.79 -27.16
C GLN D 91 5.76 2.08 -26.45
N THR D 92 5.57 1.70 -25.18
CA THR D 92 6.61 1.06 -24.33
C THR D 92 6.97 -0.31 -24.91
N GLY D 93 5.97 -1.09 -25.34
CA GLY D 93 6.17 -2.41 -25.97
C GLY D 93 6.98 -2.32 -27.26
N GLN D 94 6.72 -1.32 -28.09
CA GLN D 94 7.43 -1.08 -29.37
C GLN D 94 8.90 -0.74 -29.09
N GLU D 95 9.15 0.15 -28.12
CA GLU D 95 10.51 0.55 -27.68
C GLU D 95 11.22 -0.68 -27.12
N LEU D 96 10.52 -1.45 -26.29
CA LEU D 96 11.01 -2.71 -25.68
C LEU D 96 11.37 -3.72 -26.78
N TRP D 97 10.52 -3.83 -27.81
CA TRP D 97 10.79 -4.72 -28.99
C TRP D 97 12.03 -4.24 -29.73
N GLN D 98 12.17 -2.91 -29.92
CA GLN D 98 13.27 -2.29 -30.70
C GLN D 98 14.59 -2.36 -29.90
N LEU D 99 14.53 -2.19 -28.58
CA LEU D 99 15.73 -2.01 -27.70
C LEU D 99 15.91 -3.20 -26.74
N GLY D 100 14.83 -3.89 -26.36
CA GLY D 100 14.87 -5.08 -25.49
C GLY D 100 15.35 -4.76 -24.08
N GLY D 104 16.95 -1.43 -22.09
CA GLY D 104 17.47 -1.52 -20.71
C GLY D 104 16.40 -1.98 -19.73
N PRO D 105 16.64 -1.92 -18.40
CA PRO D 105 15.67 -2.33 -17.41
C PRO D 105 14.49 -1.36 -17.22
N GLU D 106 14.69 -0.05 -17.48
CA GLU D 106 13.67 0.99 -17.25
C GLU D 106 12.44 0.75 -18.13
N LEU D 107 12.62 0.31 -19.39
CA LEU D 107 11.50 -0.01 -20.32
C LEU D 107 10.69 -1.18 -19.76
N ARG D 108 11.38 -2.21 -19.27
CA ARG D 108 10.76 -3.41 -18.67
C ARG D 108 9.91 -3.02 -17.46
N GLN D 109 10.44 -2.16 -16.60
CA GLN D 109 9.75 -1.72 -15.35
C GLN D 109 8.54 -0.84 -15.72
N LYS D 110 8.71 0.04 -16.72
CA LYS D 110 7.63 0.95 -17.22
C LYS D 110 6.48 0.09 -17.76
N PHE D 111 6.80 -0.96 -18.53
CA PHE D 111 5.82 -1.90 -19.14
C PHE D 111 5.01 -2.57 -18.02
N GLN D 112 5.70 -3.11 -17.02
CA GLN D 112 5.12 -3.81 -15.85
C GLN D 112 4.22 -2.84 -15.06
N GLN D 113 4.69 -1.61 -14.83
CA GLN D 113 3.94 -0.55 -14.10
C GLN D 113 2.65 -0.23 -14.85
N LEU D 114 2.70 -0.08 -16.19
CA LEU D 114 1.51 0.26 -17.01
C LEU D 114 0.50 -0.90 -16.97
N ALA D 115 0.97 -2.14 -17.11
CA ALA D 115 0.13 -3.36 -17.11
C ALA D 115 -0.60 -3.48 -15.77
N GLN D 116 0.10 -3.24 -14.66
CA GLN D 116 -0.47 -3.33 -13.28
C GLN D 116 -1.47 -2.19 -13.05
N LYS D 117 -1.19 -0.99 -13.57
CA LYS D 117 -2.12 0.16 -13.49
C LYS D 117 -3.44 -0.20 -14.20
N ILE D 118 -3.34 -0.76 -15.41
CA ILE D 118 -4.52 -1.17 -16.22
C ILE D 118 -5.30 -2.25 -15.45
N GLN D 119 -4.59 -3.24 -14.87
CA GLN D 119 -5.22 -4.33 -14.09
C GLN D 119 -5.99 -3.74 -12.91
N GLN D 120 -5.42 -2.75 -12.21
CA GLN D 120 -6.07 -2.08 -11.04
C GLN D 120 -7.37 -1.39 -11.50
N LEU D 121 -7.36 -0.70 -12.65
CA LEU D 121 -8.56 -0.01 -13.19
C LEU D 121 -9.63 -1.05 -13.54
N LEU D 122 -9.24 -2.17 -14.16
CA LEU D 122 -10.18 -3.27 -14.54
C LEU D 122 -10.82 -3.87 -13.28
N GLN D 123 -10.03 -4.08 -12.21
CA GLN D 123 -10.55 -4.62 -10.91
C GLN D 123 -11.54 -3.62 -10.29
N LYS D 124 -11.19 -2.33 -10.28
CA LYS D 124 -12.07 -1.23 -9.79
C LYS D 124 -13.37 -1.26 -10.61
N PHE D 125 -13.27 -1.35 -11.93
CA PHE D 125 -14.40 -1.40 -12.89
C PHE D 125 -15.30 -2.59 -12.51
N GLN D 126 -14.70 -3.78 -12.34
CA GLN D 126 -15.42 -5.04 -11.99
C GLN D 126 -16.19 -4.85 -10.68
N GLN D 127 -15.53 -4.33 -9.65
CA GLN D 127 -16.12 -4.12 -8.29
C GLN D 127 -17.32 -3.18 -8.38
N LEU D 128 -17.21 -2.08 -9.15
CA LEU D 128 -18.29 -1.07 -9.29
C LEU D 128 -19.51 -1.70 -9.97
N VAL D 129 -19.32 -2.43 -11.06
CA VAL D 129 -20.43 -3.06 -11.83
C VAL D 129 -21.06 -4.17 -10.97
N ALA D 130 -20.25 -4.99 -10.30
CA ALA D 130 -20.72 -6.09 -9.41
C ALA D 130 -21.58 -5.51 -8.29
N LYS D 131 -21.15 -4.41 -7.68
CA LYS D 131 -21.87 -3.73 -6.57
C LYS D 131 -23.22 -3.23 -7.10
N GLN D 132 -23.22 -2.57 -8.26
CA GLN D 132 -24.44 -2.03 -8.93
C GLN D 132 -25.40 -3.19 -9.25
N LEU D 133 -24.85 -4.31 -9.71
CA LEU D 133 -25.61 -5.54 -10.05
C LEU D 133 -26.33 -6.07 -8.80
N GLU D 134 -25.62 -6.15 -7.66
CA GLU D 134 -26.19 -6.59 -6.36
C GLU D 134 -27.39 -5.71 -5.97
N ASP D 135 -27.27 -4.39 -6.14
CA ASP D 135 -28.32 -3.40 -5.80
C ASP D 135 -29.54 -3.62 -6.72
N GLU D 136 -29.31 -3.83 -8.02
CA GLU D 136 -30.37 -4.07 -9.02
C GLU D 136 -31.14 -5.35 -8.66
N GLU D 137 -30.43 -6.41 -8.28
CA GLU D 137 -31.03 -7.73 -7.95
C GLU D 137 -31.86 -7.61 -6.68
N LYS D 138 -31.36 -6.89 -5.68
CA LYS D 138 -32.07 -6.62 -4.40
C LYS D 138 -33.42 -5.93 -4.68
N PHE D 139 -33.44 -4.98 -5.62
CA PHE D 139 -34.66 -4.20 -5.95
C PHE D 139 -35.66 -5.08 -6.74
N ILE D 140 -35.18 -5.96 -7.61
CA ILE D 140 -36.05 -6.89 -8.40
C ILE D 140 -36.79 -7.82 -7.44
N GLU D 141 -36.09 -8.40 -6.47
CA GLU D 141 -36.68 -9.25 -5.40
C GLU D 141 -37.77 -8.46 -4.67
N LEU D 142 -37.48 -7.19 -4.35
CA LEU D 142 -38.40 -6.25 -3.66
C LEU D 142 -39.59 -5.94 -4.58
N LEU D 143 -39.33 -5.62 -5.85
CA LEU D 143 -40.34 -5.28 -6.88
C LEU D 143 -41.29 -6.47 -7.10
N GLU D 144 -40.77 -7.70 -7.07
CA GLU D 144 -41.56 -8.95 -7.31
C GLU D 144 -42.71 -9.05 -6.30
N THR D 145 -42.54 -8.52 -5.08
CA THR D 145 -43.50 -8.64 -3.96
C THR D 145 -44.65 -7.62 -4.09
N ILE D 146 -44.57 -6.66 -5.02
CA ILE D 146 -45.57 -5.56 -5.16
C ILE D 146 -46.15 -5.54 -6.58
N LEU D 147 -46.05 -6.66 -7.33
CA LEU D 147 -46.57 -6.78 -8.72
C LEU D 147 -48.10 -6.88 -8.72
N GLY D 148 -48.70 -7.39 -7.63
CA GLY D 148 -50.15 -7.55 -7.48
C GLY D 148 -50.69 -6.75 -6.30
N GLY D 152 -49.72 -2.54 -11.65
CA GLY D 152 -49.49 -3.94 -12.03
C GLY D 152 -48.80 -4.07 -13.38
N ASP D 153 -49.43 -3.55 -14.44
CA ASP D 153 -48.90 -3.55 -15.84
C ASP D 153 -47.63 -2.71 -15.89
N GLU D 154 -47.67 -1.49 -15.32
CA GLU D 154 -46.52 -0.55 -15.26
C GLU D 154 -45.33 -1.23 -14.55
N LEU D 155 -45.61 -1.93 -13.44
CA LEU D 155 -44.56 -2.49 -12.54
C LEU D 155 -43.89 -3.71 -13.18
N ARG D 156 -44.62 -4.50 -13.98
CA ARG D 156 -44.04 -5.68 -14.66
C ARG D 156 -43.30 -5.21 -15.94
N GLU D 157 -43.70 -4.08 -16.51
CA GLU D 157 -42.92 -3.38 -17.59
C GLU D 157 -41.60 -2.88 -16.99
N LEU D 158 -41.65 -2.31 -15.77
CA LEU D 158 -40.45 -1.87 -15.01
C LEU D 158 -39.55 -3.08 -14.76
N LEU D 159 -40.13 -4.20 -14.33
CA LEU D 159 -39.40 -5.47 -14.03
C LEU D 159 -38.67 -5.95 -15.29
N LYS D 160 -39.35 -5.99 -16.44
CA LYS D 160 -38.77 -6.40 -17.75
C LYS D 160 -37.55 -5.53 -18.05
N GLY D 161 -37.68 -4.20 -17.88
CA GLY D 161 -36.59 -3.23 -18.01
C GLY D 161 -35.41 -3.59 -17.12
N LYS D 162 -35.67 -3.84 -15.84
CA LYS D 162 -34.62 -4.13 -14.82
C LYS D 162 -33.89 -5.43 -15.19
N LEU D 163 -34.60 -6.44 -15.67
CA LEU D 163 -33.99 -7.73 -16.11
C LEU D 163 -33.03 -7.46 -17.28
N GLN D 164 -33.38 -6.54 -18.19
CA GLN D 164 -32.51 -6.15 -19.33
C GLN D 164 -31.27 -5.43 -18.81
N VAL D 165 -31.40 -4.61 -17.77
CA VAL D 165 -30.27 -3.88 -17.13
C VAL D 165 -29.29 -4.92 -16.56
N ILE D 166 -29.81 -5.92 -15.85
CA ILE D 166 -29.02 -7.03 -15.25
C ILE D 166 -28.21 -7.71 -16.36
N LYS D 167 -28.87 -8.08 -17.46
CA LYS D 167 -28.25 -8.79 -18.62
C LYS D 167 -27.07 -7.96 -19.15
N GLN D 168 -27.27 -6.65 -19.32
CA GLN D 168 -26.24 -5.74 -19.88
C GLN D 168 -25.07 -5.59 -18.89
N GLN D 169 -25.35 -5.57 -17.58
CA GLN D 169 -24.31 -5.48 -16.52
C GLN D 169 -23.49 -6.77 -16.49
N ARG D 170 -24.13 -7.93 -16.65
CA ARG D 170 -23.44 -9.24 -16.71
C ARG D 170 -22.55 -9.29 -17.97
N GLU D 171 -23.01 -8.72 -19.08
CA GLU D 171 -22.24 -8.66 -20.36
C GLU D 171 -21.00 -7.78 -20.13
N LEU D 172 -21.17 -6.67 -19.43
CA LEU D 172 -20.05 -5.76 -19.07
C LEU D 172 -19.03 -6.51 -18.20
N LEU D 173 -19.50 -7.27 -17.20
CA LEU D 173 -18.61 -8.05 -16.30
C LEU D 173 -17.83 -9.10 -17.11
N GLN D 174 -18.43 -9.70 -18.13
CA GLN D 174 -17.74 -10.67 -19.01
C GLN D 174 -16.61 -9.96 -19.78
N LEU D 175 -16.89 -8.76 -20.32
CA LEU D 175 -15.90 -8.01 -21.14
C LEU D 175 -14.72 -7.58 -20.27
N VAL D 176 -14.95 -7.26 -18.99
CA VAL D 176 -13.87 -6.86 -18.04
C VAL D 176 -12.98 -8.08 -17.76
N GLN D 177 -13.55 -9.28 -17.69
CA GLN D 177 -12.77 -10.53 -17.51
C GLN D 177 -11.93 -10.80 -18.77
N LYS D 178 -12.49 -10.60 -19.97
CA LYS D 178 -11.75 -10.69 -21.26
C LYS D 178 -10.58 -9.70 -21.25
N ALA D 179 -10.81 -8.47 -20.78
CA ALA D 179 -9.79 -7.41 -20.66
C ALA D 179 -8.66 -7.88 -19.75
N GLN D 180 -8.98 -8.50 -18.61
CA GLN D 180 -7.99 -9.01 -17.63
C GLN D 180 -7.15 -10.13 -18.26
N GLN D 181 -7.75 -10.97 -19.10
CA GLN D 181 -7.01 -12.03 -19.84
C GLN D 181 -6.01 -11.38 -20.80
N LEU D 182 -6.41 -10.31 -21.48
CA LEU D 182 -5.55 -9.58 -22.45
C LEU D 182 -4.35 -8.95 -21.73
N VAL D 183 -4.54 -8.47 -20.50
CA VAL D 183 -3.43 -7.93 -19.65
C VAL D 183 -2.41 -9.04 -19.42
N GLN D 184 -2.85 -10.24 -19.05
CA GLN D 184 -1.95 -11.41 -18.81
C GLN D 184 -1.22 -11.77 -20.12
N LYS D 185 -1.93 -11.79 -21.25
CA LYS D 185 -1.35 -12.10 -22.58
C LYS D 185 -0.29 -11.06 -22.93
N LEU D 186 -0.57 -9.77 -22.69
CA LEU D 186 0.39 -8.67 -22.96
C LEU D 186 1.63 -8.83 -22.08
N GLN D 187 1.45 -9.27 -20.84
CA GLN D 187 2.57 -9.49 -19.88
C GLN D 187 3.38 -10.74 -20.31
N GLN D 188 2.70 -11.78 -20.81
CA GLN D 188 3.37 -12.98 -21.37
C GLN D 188 4.23 -12.57 -22.58
N THR D 189 3.66 -11.79 -23.49
CA THR D 189 4.35 -11.29 -24.72
C THR D 189 5.50 -10.36 -24.30
N GLY D 190 5.25 -9.49 -23.32
CA GLY D 190 6.26 -8.58 -22.74
C GLY D 190 7.49 -9.34 -22.28
N GLN D 191 7.29 -10.43 -21.53
CA GLN D 191 8.38 -11.29 -21.02
C GLN D 191 9.25 -11.77 -22.19
N LYS D 192 8.65 -12.11 -23.32
CA LYS D 192 9.38 -12.58 -24.54
C LYS D 192 10.27 -11.47 -25.08
N LEU D 193 9.90 -10.19 -24.90
CA LEU D 193 10.64 -9.02 -25.45
C LEU D 193 11.97 -8.83 -24.72
N TRP D 194 12.05 -9.16 -23.42
CA TRP D 194 13.23 -8.89 -22.56
C TRP D 194 13.88 -10.18 -22.05
N GLU D 195 13.44 -11.35 -22.51
CA GLU D 195 13.81 -12.67 -21.91
C GLU D 195 15.22 -13.10 -22.32
N ASN D 196 15.65 -12.75 -23.54
CA ASN D 196 17.04 -12.99 -24.01
C ASN D 196 18.00 -12.16 -23.15
N LEU D 197 17.64 -10.89 -22.89
CA LEU D 197 18.45 -9.93 -22.08
C LEU D 197 18.61 -10.47 -20.66
K K E . 37.62 20.97 -7.43
K K F . -45.23 -21.01 -10.82
#